data_9C4Q
#
_entry.id   9C4Q
#
_cell.length_a   179.664
_cell.length_b   179.664
_cell.length_c   185.437
_cell.angle_alpha   90.000
_cell.angle_beta   90.000
_cell.angle_gamma   120.000
#
_symmetry.space_group_name_H-M   'P 64 2 2'
#
loop_
_entity.id
_entity.type
_entity.pdbx_description
1 polymer 'Acetolactate synthase, chloroplastic'
2 non-polymer 'MAGNESIUM ION'
3 non-polymer 'FLAVIN-ADENINE DINUCLEOTIDE'
4 non-polymer '2-[N-CYCLOHEXYLAMINO]ETHANE SULFONIC ACID'
5 non-polymer '2-[3-[(4-azanyl-2-methyl-pyrimidin-5-yl)methyl]-2-[(1~{S})-1-(dioxidanyl)-1-oxidanyl-ethyl]-4-methyl-1,3-thiazol-5-yl]ethyl phosphono hydrogen phosphate'
6 non-polymer 'L(+)-TARTARIC ACID'
7 non-polymer 'OXYGEN MOLECULE'
8 non-polymer 2-(2-fluoroethoxy)-N-[(4-methoxy-6-methylpyrimidin-2-yl)carbamoyl]benzene-1-sulfonamide
9 non-polymer 'ACETATE ION'
10 non-polymer 'FORMIC ACID'
11 non-polymer 'SULFATE ION'
12 water water
#
_entity_poly.entity_id   1
_entity_poly.type   'polypeptide(L)'
_entity_poly.pdbx_seq_one_letter_code
;TFISRFAPDQPRKGADILVEALERQGVETVFAYPGGASMEIHQALTRSSSIRNVLPRHEQGGVFAAEGYARSSGKPGICI
ATSGPGATNLVSGLADALLDSVPLVAITGQVPRRMIGTDAFQETPIVEVTRSITKHNYLVMDVEDIPRIIEEAFFLATSG
RPGPVLVDVPKDIQQQLAIPNWEQAMRLPGYMSRMPKPPEDSHLEQIVRLISESKKPVLYVGGGCLNSSDELGRFVELTG
IPVASTLMGLGSYP(CSD)DDELSLHMLGMHGTVYANYAVEHSDLLLAFGVRFDDRVTGKLEAFASRAKIVHIDIDSAEI
GKNKTPHVSVCGDVKLALQGMNKVLENRAEELKLDFGVWRNELNVQKQKFPLSFKTFGEAIPPQYAIKVLDELTDGKAII
STGVGQHQMWAAQFYNYKKPRQWLSSGGLGAMGFGLPAAIGASVANPDAIVVDIDGDGSFIMNVQELATIRVENLPVKVL
LLNNQHLGMVMQWEDRFYKANRAHTFLGDPAQEDEIFPNMLLFAAACGIPAARVTKKADLREAIQTMLDTPGPYLLDVIC
PHQEHVLPMIPSGGTFNDVITEGDGRLEHHHHHH
;
_entity_poly.pdbx_strand_id   A
#
loop_
_chem_comp.id
_chem_comp.type
_chem_comp.name
_chem_comp.formula
A1AUH non-polymer 2-(2-fluoroethoxy)-N-[(4-methoxy-6-methylpyrimidin-2-yl)carbamoyl]benzene-1-sulfonamide 'C15 H17 F N4 O5 S'
ACT non-polymer 'ACETATE ION' 'C2 H3 O2 -1'
AUJ non-polymer '2-[3-[(4-azanyl-2-methyl-pyrimidin-5-yl)methyl]-2-[(1~{S})-1-(dioxidanyl)-1-oxidanyl-ethyl]-4-methyl-1,3-thiazol-5-yl]ethyl phosphono hydrogen phosphate' 'C14 H23 N4 O10 P2 S 1'
FAD non-polymer 'FLAVIN-ADENINE DINUCLEOTIDE' 'C27 H33 N9 O15 P2'
FMT non-polymer 'FORMIC ACID' 'C H2 O2'
MG non-polymer 'MAGNESIUM ION' 'Mg 2'
NHE non-polymer '2-[N-CYCLOHEXYLAMINO]ETHANE SULFONIC ACID' 'C8 H17 N O3 S'
OXY non-polymer 'OXYGEN MOLECULE' O2
SO4 non-polymer 'SULFATE ION' 'O4 S -2'
TLA non-polymer 'L(+)-TARTARIC ACID' 'C4 H6 O6'
#
# COMPACT_ATOMS: atom_id res chain seq x y z
N THR A 1 -7.18 -31.12 12.97
CA THR A 1 -8.40 -30.33 13.18
C THR A 1 -8.13 -29.16 14.12
N PHE A 2 -9.13 -28.29 14.28
CA PHE A 2 -9.05 -27.15 15.17
C PHE A 2 -9.46 -27.56 16.57
N ILE A 3 -8.75 -27.04 17.56
CA ILE A 3 -8.99 -27.36 18.97
C ILE A 3 -9.55 -26.11 19.64
N SER A 4 -10.80 -26.18 20.08
CA SER A 4 -11.44 -25.09 20.79
C SER A 4 -11.13 -25.17 22.28
N ARG A 5 -11.08 -24.01 22.92
CA ARG A 5 -10.92 -23.92 24.37
C ARG A 5 -12.22 -24.15 25.10
N PHE A 6 -13.30 -24.49 24.39
CA PHE A 6 -14.61 -24.71 24.99
C PHE A 6 -15.17 -26.03 24.50
N ALA A 7 -16.03 -26.63 25.34
CA ALA A 7 -16.70 -27.86 24.94
C ALA A 7 -17.76 -27.57 23.89
N PRO A 8 -17.99 -28.52 22.97
CA PRO A 8 -18.99 -28.27 21.91
C PRO A 8 -20.39 -28.04 22.43
N ASP A 9 -20.68 -28.45 23.66
CA ASP A 9 -21.98 -28.22 24.29
C ASP A 9 -21.92 -27.14 25.36
N GLN A 10 -20.82 -26.41 25.45
CA GLN A 10 -20.63 -25.42 26.50
C GLN A 10 -20.96 -24.03 25.98
N PRO A 11 -21.97 -23.36 26.51
CA PRO A 11 -22.22 -21.97 26.11
C PRO A 11 -21.11 -21.04 26.59
N ARG A 12 -20.80 -20.06 25.76
CA ARG A 12 -19.81 -19.03 26.10
C ARG A 12 -20.28 -17.70 25.50
N LYS A 13 -19.65 -16.63 25.97
CA LYS A 13 -20.04 -15.29 25.53
C LYS A 13 -19.83 -15.12 24.03
N GLY A 14 -20.62 -14.22 23.44
CA GLY A 14 -20.42 -13.89 22.05
C GLY A 14 -19.03 -13.36 21.76
N ALA A 15 -18.46 -12.61 22.71
CA ALA A 15 -17.09 -12.15 22.57
C ALA A 15 -16.11 -13.32 22.43
N ASP A 16 -16.34 -14.40 23.18
CA ASP A 16 -15.50 -15.59 23.05
C ASP A 16 -15.77 -16.30 21.73
N ILE A 17 -17.00 -16.25 21.23
CA ILE A 17 -17.30 -16.84 19.92
C ILE A 17 -16.60 -16.05 18.83
N LEU A 18 -16.55 -14.72 18.97
CA LEU A 18 -15.90 -13.88 17.96
C LEU A 18 -14.40 -14.14 17.91
N VAL A 19 -13.76 -14.26 19.07
CA VAL A 19 -12.32 -14.50 19.10
C VAL A 19 -11.99 -15.87 18.51
N GLU A 20 -12.77 -16.89 18.85
CA GLU A 20 -12.55 -18.20 18.26
C GLU A 20 -12.81 -18.18 16.76
N ALA A 21 -13.75 -17.35 16.30
CA ALA A 21 -13.95 -17.18 14.87
C ALA A 21 -12.70 -16.62 14.20
N LEU A 22 -11.99 -15.71 14.89
CA LEU A 22 -10.72 -15.22 14.36
C LEU A 22 -9.66 -16.31 14.38
N GLU A 23 -9.59 -17.08 15.47
CA GLU A 23 -8.65 -18.19 15.54
C GLU A 23 -8.89 -19.19 14.43
N ARG A 24 -10.15 -19.50 14.13
CA ARG A 24 -10.48 -20.43 13.05
C ARG A 24 -10.18 -19.87 11.67
N GLN A 25 -9.88 -18.58 11.56
CA GLN A 25 -9.43 -17.98 10.31
C GLN A 25 -7.91 -17.94 10.20
N GLY A 26 -7.18 -18.41 11.21
CA GLY A 26 -5.75 -18.35 11.22
C GLY A 26 -5.17 -17.04 11.71
N VAL A 27 -5.99 -16.17 12.30
CA VAL A 27 -5.50 -14.89 12.80
C VAL A 27 -4.54 -15.12 13.95
N GLU A 28 -3.38 -14.48 13.88
CA GLU A 28 -2.41 -14.50 14.96
C GLU A 28 -2.14 -13.14 15.57
N THR A 29 -2.43 -12.06 14.86
CA THR A 29 -2.16 -10.71 15.33
C THR A 29 -3.36 -9.83 15.06
N VAL A 30 -3.71 -8.99 16.03
CA VAL A 30 -4.72 -7.97 15.87
C VAL A 30 -4.17 -6.67 16.43
N PHE A 31 -4.77 -5.56 16.02
CA PHE A 31 -4.41 -4.23 16.49
C PHE A 31 -5.66 -3.64 17.11
N ALA A 32 -5.76 -3.74 18.44
CA ALA A 32 -7.00 -3.49 19.16
C ALA A 32 -6.75 -2.47 20.26
N TYR A 33 -7.60 -1.43 20.29
CA TYR A 33 -7.53 -0.37 21.29
C TYR A 33 -8.81 -0.37 22.11
N PRO A 34 -8.76 -0.60 23.41
CA PRO A 34 -9.97 -0.90 24.16
C PRO A 34 -10.81 0.32 24.48
N GLY A 35 -12.12 0.10 24.62
CA GLY A 35 -13.07 1.08 25.06
C GLY A 35 -14.26 0.35 25.65
N GLY A 36 -15.20 1.13 26.19
CA GLY A 36 -16.32 0.54 26.91
C GLY A 36 -17.09 -0.48 26.09
N ALA A 37 -17.40 -0.13 24.84
CA ALA A 37 -18.23 -0.99 24.01
C ALA A 37 -17.51 -2.23 23.50
N SER A 38 -16.19 -2.32 23.68
CA SER A 38 -15.44 -3.49 23.24
C SER A 38 -14.67 -4.16 24.37
N MET A 39 -14.99 -3.84 25.63
CA MET A 39 -14.27 -4.46 26.75
C MET A 39 -14.41 -5.96 26.74
N GLU A 40 -15.60 -6.47 26.40
CA GLU A 40 -15.81 -7.92 26.38
C GLU A 40 -14.90 -8.59 25.36
N ILE A 41 -14.72 -7.98 24.20
CA ILE A 41 -13.82 -8.52 23.18
C ILE A 41 -12.40 -8.56 23.69
N HIS A 42 -11.97 -7.50 24.39
CA HIS A 42 -10.61 -7.46 24.90
C HIS A 42 -10.39 -8.48 26.02
N GLN A 43 -11.40 -8.70 26.86
CA GLN A 43 -11.29 -9.76 27.86
C GLN A 43 -11.15 -11.12 27.20
N ALA A 44 -11.94 -11.36 26.14
CA ALA A 44 -11.86 -12.62 25.42
C ALA A 44 -10.51 -12.79 24.72
N LEU A 45 -9.87 -11.68 24.35
CA LEU A 45 -8.56 -11.76 23.71
C LEU A 45 -7.50 -12.29 24.67
N THR A 46 -7.55 -11.84 25.93
CA THR A 46 -6.60 -12.33 26.92
C THR A 46 -6.77 -13.82 27.19
N ARG A 47 -7.94 -14.39 26.90
CA ARG A 47 -8.17 -15.82 27.03
C ARG A 47 -7.62 -16.62 25.85
N SER A 48 -7.27 -15.95 24.75
CA SER A 48 -6.71 -16.62 23.58
C SER A 48 -5.20 -16.76 23.73
N SER A 49 -4.71 -17.98 23.55
CA SER A 49 -3.28 -18.24 23.61
C SER A 49 -2.59 -18.17 22.27
N SER A 50 -3.34 -17.97 21.18
CA SER A 50 -2.76 -17.95 19.85
C SER A 50 -2.86 -16.60 19.14
N ILE A 51 -3.56 -15.63 19.73
CA ILE A 51 -3.71 -14.31 19.12
C ILE A 51 -2.99 -13.28 19.98
N ARG A 52 -2.07 -12.55 19.38
CA ARG A 52 -1.37 -11.45 20.01
C ARG A 52 -2.06 -10.14 19.67
N ASN A 53 -2.14 -9.23 20.64
CA ASN A 53 -2.65 -7.89 20.40
C ASN A 53 -1.50 -6.90 20.48
N VAL A 54 -1.39 -6.05 19.46
CA VAL A 54 -0.48 -4.92 19.46
C VAL A 54 -1.31 -3.68 19.75
N LEU A 55 -1.14 -3.12 20.95
CA LEU A 55 -1.92 -1.96 21.37
C LEU A 55 -1.34 -0.70 20.77
N PRO A 56 -2.04 -0.05 19.85
CA PRO A 56 -1.58 1.22 19.31
C PRO A 56 -1.85 2.33 20.34
N ARG A 57 -1.45 3.55 19.98
CA ARG A 57 -1.74 4.73 20.78
C ARG A 57 -2.82 5.59 20.16
N HIS A 58 -3.31 5.22 18.97
CA HIS A 58 -4.38 5.91 18.27
C HIS A 58 -4.98 4.92 17.29
N GLU A 59 -6.30 4.91 17.17
CA GLU A 59 -6.94 3.90 16.33
C GLU A 59 -6.58 4.08 14.86
N GLN A 60 -6.31 5.32 14.42
CA GLN A 60 -5.74 5.50 13.09
C GLN A 60 -4.39 4.80 12.97
N GLY A 61 -3.60 4.79 14.04
CA GLY A 61 -2.42 3.96 14.06
C GLY A 61 -2.75 2.48 14.00
N GLY A 62 -3.84 2.08 14.64
CA GLY A 62 -4.24 0.68 14.61
C GLY A 62 -4.60 0.20 13.23
N VAL A 63 -5.39 0.99 12.50
CA VAL A 63 -5.83 0.56 11.17
C VAL A 63 -4.67 0.65 10.18
N PHE A 64 -3.83 1.68 10.27
CA PHE A 64 -2.67 1.77 9.39
C PHE A 64 -1.68 0.65 9.65
N ALA A 65 -1.53 0.23 10.91
CA ALA A 65 -0.69 -0.91 11.21
C ALA A 65 -1.27 -2.18 10.60
N ALA A 66 -2.59 -2.36 10.70
CA ALA A 66 -3.24 -3.50 10.07
C ALA A 66 -3.03 -3.49 8.56
N GLU A 67 -3.01 -2.30 7.95
CA GLU A 67 -2.69 -2.19 6.54
C GLU A 67 -1.26 -2.64 6.25
N GLY A 68 -0.29 -2.13 7.01
CA GLY A 68 1.08 -2.55 6.81
C GLY A 68 1.26 -4.04 6.96
N TYR A 69 0.62 -4.62 7.98
CA TYR A 69 0.59 -6.06 8.16
C TYR A 69 0.09 -6.76 6.91
N ALA A 70 -1.04 -6.29 6.36
CA ALA A 70 -1.62 -6.90 5.17
C ALA A 70 -0.74 -6.72 3.94
N ARG A 71 -0.33 -5.47 3.67
CA ARG A 71 0.41 -5.19 2.45
C ARG A 71 1.75 -5.92 2.41
N SER A 72 2.36 -6.18 3.56
CA SER A 72 3.67 -6.80 3.61
C SER A 72 3.62 -8.32 3.70
N SER A 73 2.43 -8.91 3.78
CA SER A 73 2.31 -10.35 4.03
C SER A 73 1.35 -11.06 3.10
N GLY A 74 0.36 -10.38 2.52
CA GLY A 74 -0.68 -11.03 1.77
C GLY A 74 -1.84 -11.53 2.61
N LYS A 75 -1.73 -11.51 3.92
CA LYS A 75 -2.78 -11.91 4.84
C LYS A 75 -3.65 -10.71 5.19
N PRO A 76 -4.89 -10.95 5.61
CA PRO A 76 -5.74 -9.82 6.02
C PRO A 76 -5.24 -9.21 7.32
N GLY A 77 -5.34 -7.88 7.39
CA GLY A 77 -5.04 -7.16 8.62
C GLY A 77 -6.31 -6.96 9.43
N ILE A 78 -6.18 -7.14 10.74
CA ILE A 78 -7.33 -7.08 11.65
C ILE A 78 -7.07 -5.99 12.68
N CYS A 79 -7.95 -4.99 12.71
CA CYS A 79 -7.93 -3.95 13.73
C CYS A 79 -9.26 -3.95 14.46
N ILE A 80 -9.24 -3.53 15.72
CA ILE A 80 -10.42 -3.54 16.58
C ILE A 80 -10.47 -2.24 17.35
N ALA A 81 -11.63 -1.59 17.35
CA ALA A 81 -11.83 -0.33 18.06
C ALA A 81 -13.15 -0.37 18.81
N THR A 82 -13.30 0.54 19.76
CA THR A 82 -14.55 0.66 20.49
C THR A 82 -15.54 1.49 19.68
N SER A 83 -16.72 1.71 20.25
CA SER A 83 -17.76 2.47 19.57
C SER A 83 -17.38 3.94 19.46
N GLY A 84 -18.25 4.71 18.83
CA GLY A 84 -18.15 6.15 18.80
C GLY A 84 -16.81 6.68 18.30
N PRO A 85 -16.07 7.32 19.21
CA PRO A 85 -14.81 7.96 18.80
C PRO A 85 -13.74 6.98 18.40
N GLY A 86 -13.77 5.74 18.91
CA GLY A 86 -12.87 4.73 18.40
C GLY A 86 -13.16 4.38 16.95
N ALA A 87 -14.43 4.15 16.63
CA ALA A 87 -14.80 3.75 15.27
C ALA A 87 -14.49 4.86 14.27
N THR A 88 -14.80 6.11 14.62
CA THR A 88 -14.55 7.21 13.69
C THR A 88 -13.06 7.41 13.43
N ASN A 89 -12.20 7.01 14.37
CA ASN A 89 -10.76 7.12 14.15
C ASN A 89 -10.23 6.08 13.17
N LEU A 90 -11.05 5.11 12.75
CA LEU A 90 -10.63 4.15 11.75
C LEU A 90 -10.86 4.64 10.33
N VAL A 91 -11.61 5.73 10.16
CA VAL A 91 -12.26 6.03 8.88
C VAL A 91 -11.23 6.24 7.77
N SER A 92 -10.15 6.97 8.07
CA SER A 92 -9.13 7.22 7.05
C SER A 92 -8.48 5.91 6.59
N GLY A 93 -8.30 4.97 7.51
CA GLY A 93 -7.70 3.70 7.13
C GLY A 93 -8.62 2.85 6.27
N LEU A 94 -9.92 2.87 6.56
CA LEU A 94 -10.88 2.13 5.74
C LEU A 94 -10.88 2.66 4.30
N ALA A 95 -10.99 3.98 4.16
CA ALA A 95 -10.94 4.58 2.83
C ALA A 95 -9.63 4.26 2.12
N ASP A 96 -8.52 4.30 2.86
CA ASP A 96 -7.21 4.00 2.26
C ASP A 96 -7.13 2.55 1.80
N ALA A 97 -7.68 1.62 2.58
CA ALA A 97 -7.66 0.22 2.19
C ALA A 97 -8.56 -0.04 1.00
N LEU A 98 -9.68 0.69 0.89
CA LEU A 98 -10.58 0.48 -0.24
C LEU A 98 -9.97 0.99 -1.54
N LEU A 99 -9.36 2.17 -1.50
CA LEU A 99 -8.76 2.75 -2.70
C LEU A 99 -7.54 1.97 -3.18
N ASP A 100 -6.84 1.28 -2.29
CA ASP A 100 -5.65 0.52 -2.67
C ASP A 100 -5.90 -0.99 -2.71
N SER A 101 -7.13 -1.43 -2.47
CA SER A 101 -7.50 -2.84 -2.58
C SER A 101 -6.70 -3.72 -1.60
N VAL A 102 -6.65 -3.28 -0.36
CA VAL A 102 -5.91 -3.96 0.70
C VAL A 102 -6.91 -4.80 1.51
N PRO A 103 -6.64 -6.09 1.73
CA PRO A 103 -7.58 -6.92 2.49
C PRO A 103 -7.50 -6.58 3.99
N LEU A 104 -8.66 -6.34 4.59
CA LEU A 104 -8.69 -5.81 5.94
C LEU A 104 -10.04 -6.11 6.57
N VAL A 105 -10.02 -6.52 7.84
CA VAL A 105 -11.23 -6.80 8.61
C VAL A 105 -11.19 -5.93 9.85
N ALA A 106 -12.12 -4.99 9.93
CA ALA A 106 -12.20 -4.05 11.04
C ALA A 106 -13.41 -4.39 11.90
N ILE A 107 -13.18 -4.55 13.20
CA ILE A 107 -14.24 -4.88 14.15
C ILE A 107 -14.42 -3.70 15.09
N THR A 108 -15.64 -3.19 15.18
CA THR A 108 -15.97 -2.11 16.09
C THR A 108 -17.00 -2.59 17.10
N GLY A 109 -16.77 -2.28 18.37
CA GLY A 109 -17.82 -2.40 19.35
C GLY A 109 -18.92 -1.39 19.09
N GLN A 110 -20.12 -1.72 19.56
CA GLN A 110 -21.28 -0.85 19.37
C GLN A 110 -22.10 -0.87 20.65
N VAL A 111 -22.89 0.17 20.84
CA VAL A 111 -23.78 0.27 22.00
C VAL A 111 -24.78 -0.89 21.94
N PRO A 112 -25.45 -1.24 23.04
CA PRO A 112 -26.43 -2.32 23.00
C PRO A 112 -27.49 -2.08 21.92
N ARG A 113 -28.01 -3.18 21.36
CA ARG A 113 -28.92 -3.11 20.24
C ARG A 113 -30.09 -2.17 20.52
N ARG A 114 -30.69 -2.29 21.70
CA ARG A 114 -31.86 -1.50 22.02
C ARG A 114 -31.55 -0.01 22.13
N MET A 115 -30.28 0.35 22.33
CA MET A 115 -29.86 1.75 22.39
C MET A 115 -29.62 2.36 21.03
N ILE A 116 -29.48 1.55 19.97
CA ILE A 116 -29.14 2.07 18.67
C ILE A 116 -30.24 2.99 18.17
N GLY A 117 -29.84 4.16 17.67
CA GLY A 117 -30.76 5.14 17.14
C GLY A 117 -31.24 6.18 18.14
N THR A 118 -30.76 6.15 19.37
CA THR A 118 -31.26 7.03 20.43
C THR A 118 -30.23 8.07 20.86
N ASP A 119 -29.17 8.29 20.08
CA ASP A 119 -28.09 9.20 20.45
C ASP A 119 -27.45 8.78 21.77
N ALA A 120 -27.21 7.48 21.92
CA ALA A 120 -26.71 6.93 23.17
C ALA A 120 -25.25 7.34 23.39
N PHE A 121 -24.73 6.94 24.55
CA PHE A 121 -23.37 7.28 24.93
C PHE A 121 -22.36 6.63 23.97
N GLN A 122 -21.54 7.46 23.33
CA GLN A 122 -20.51 7.01 22.41
C GLN A 122 -21.12 6.17 21.28
N GLU A 123 -22.20 6.67 20.70
CA GLU A 123 -22.85 6.01 19.58
C GLU A 123 -22.69 6.85 18.31
N THR A 124 -22.16 6.23 17.27
CA THR A 124 -22.23 6.78 15.92
C THR A 124 -22.66 5.67 14.97
N PRO A 125 -23.45 6.00 13.96
CA PRO A 125 -23.89 4.97 12.99
C PRO A 125 -22.76 4.62 12.02
N ILE A 126 -21.81 3.83 12.52
CA ILE A 126 -20.59 3.59 11.77
C ILE A 126 -20.86 2.80 10.49
N VAL A 127 -21.89 1.96 10.49
CA VAL A 127 -22.25 1.22 9.27
C VAL A 127 -22.72 2.18 8.19
N GLU A 128 -23.46 3.22 8.58
CA GLU A 128 -23.87 4.23 7.60
C GLU A 128 -22.68 5.08 7.16
N VAL A 129 -21.82 5.46 8.09
CA VAL A 129 -20.69 6.33 7.78
C VAL A 129 -19.74 5.66 6.80
N THR A 130 -19.50 4.37 6.97
CA THR A 130 -18.46 3.67 6.23
C THR A 130 -18.97 2.88 5.03
N ARG A 131 -20.26 2.98 4.70
CA ARG A 131 -20.81 2.15 3.62
C ARG A 131 -20.11 2.43 2.30
N SER A 132 -19.80 3.70 2.03
CA SER A 132 -19.19 4.08 0.77
C SER A 132 -17.66 4.04 0.78
N ILE A 133 -17.05 3.66 1.90
CA ILE A 133 -15.58 3.59 1.96
C ILE A 133 -15.14 2.24 2.50
N THR A 134 -16.01 1.23 2.37
CA THR A 134 -15.66 -0.15 2.64
C THR A 134 -16.19 -1.02 1.50
N LYS A 135 -15.58 -2.20 1.34
CA LYS A 135 -16.07 -3.15 0.34
C LYS A 135 -17.42 -3.73 0.75
N HIS A 136 -17.63 -3.92 2.05
CA HIS A 136 -18.88 -4.38 2.63
C HIS A 136 -18.79 -4.12 4.13
N ASN A 137 -19.94 -4.07 4.79
CA ASN A 137 -19.94 -3.99 6.24
C ASN A 137 -21.19 -4.65 6.79
N TYR A 138 -21.16 -4.89 8.10
CA TYR A 138 -22.20 -5.65 8.79
C TYR A 138 -22.54 -4.97 10.11
N LEU A 139 -23.81 -5.09 10.50
CA LEU A 139 -24.25 -4.81 11.87
C LEU A 139 -24.80 -6.12 12.43
N VAL A 140 -24.06 -6.74 13.34
CA VAL A 140 -24.50 -8.00 13.91
C VAL A 140 -25.69 -7.75 14.83
N MET A 141 -26.80 -8.45 14.56
CA MET A 141 -28.01 -8.30 15.35
C MET A 141 -28.38 -9.55 16.13
N ASP A 142 -27.54 -10.59 16.10
CA ASP A 142 -27.80 -11.79 16.86
C ASP A 142 -26.50 -12.54 17.06
N VAL A 143 -26.31 -13.08 18.28
CA VAL A 143 -25.06 -13.78 18.60
C VAL A 143 -24.91 -15.02 17.73
N GLU A 144 -26.01 -15.60 17.26
CA GLU A 144 -25.95 -16.77 16.41
C GLU A 144 -25.32 -16.47 15.05
N ASP A 145 -25.24 -15.20 14.66
CA ASP A 145 -24.70 -14.82 13.36
C ASP A 145 -23.19 -14.61 13.36
N ILE A 146 -22.56 -14.58 14.54
CA ILE A 146 -21.14 -14.24 14.61
C ILE A 146 -20.25 -15.16 13.78
N PRO A 147 -20.38 -16.50 13.88
CA PRO A 147 -19.53 -17.35 13.02
C PRO A 147 -19.71 -17.06 11.53
N ARG A 148 -20.96 -16.95 11.07
CA ARG A 148 -21.22 -16.77 9.65
C ARG A 148 -20.69 -15.43 9.16
N ILE A 149 -20.93 -14.36 9.93
CA ILE A 149 -20.56 -13.03 9.49
C ILE A 149 -19.04 -12.87 9.46
N ILE A 150 -18.35 -13.38 10.48
CA ILE A 150 -16.89 -13.32 10.48
C ILE A 150 -16.32 -14.08 9.28
N GLU A 151 -16.88 -15.27 9.00
CA GLU A 151 -16.42 -16.04 7.84
C GLU A 151 -16.65 -15.28 6.55
N GLU A 152 -17.84 -14.68 6.39
CA GLU A 152 -18.12 -13.91 5.19
C GLU A 152 -17.21 -12.69 5.09
N ALA A 153 -16.92 -12.04 6.22
CA ALA A 153 -16.08 -10.85 6.21
C ALA A 153 -14.68 -11.17 5.70
N PHE A 154 -14.08 -12.25 6.21
CA PHE A 154 -12.75 -12.64 5.74
C PHE A 154 -12.79 -13.09 4.28
N PHE A 155 -13.84 -13.79 3.87
CA PHE A 155 -13.96 -14.21 2.49
C PHE A 155 -14.06 -13.01 1.56
N LEU A 156 -14.88 -12.02 1.91
CA LEU A 156 -15.03 -10.85 1.07
C LEU A 156 -13.78 -9.99 1.07
N ALA A 157 -13.12 -9.86 2.22
CA ALA A 157 -11.93 -9.02 2.31
C ALA A 157 -10.79 -9.56 1.45
N THR A 158 -10.73 -10.89 1.27
CA THR A 158 -9.57 -11.52 0.67
C THR A 158 -9.81 -12.07 -0.73
N SER A 159 -11.05 -12.26 -1.14
CA SER A 159 -11.33 -12.81 -2.47
C SER A 159 -11.58 -11.68 -3.47
N GLY A 160 -11.58 -12.05 -4.76
CA GLY A 160 -11.79 -11.09 -5.82
C GLY A 160 -10.81 -9.94 -5.74
N ARG A 161 -11.33 -8.74 -5.91
CA ARG A 161 -10.56 -7.54 -5.59
C ARG A 161 -10.57 -7.36 -4.07
N PRO A 162 -9.43 -7.46 -3.39
CA PRO A 162 -9.43 -7.37 -1.93
C PRO A 162 -9.83 -5.97 -1.47
N GLY A 163 -10.25 -5.90 -0.20
CA GLY A 163 -10.71 -4.66 0.37
C GLY A 163 -11.11 -4.77 1.82
N PRO A 164 -11.43 -3.64 2.45
CA PRO A 164 -11.81 -3.66 3.86
C PRO A 164 -13.25 -4.05 4.07
N VAL A 165 -13.49 -4.80 5.14
CA VAL A 165 -14.83 -5.15 5.60
C VAL A 165 -14.93 -4.80 7.08
N LEU A 166 -15.97 -4.06 7.45
CA LEU A 166 -16.19 -3.63 8.82
C LEU A 166 -17.33 -4.43 9.44
N VAL A 167 -17.13 -4.89 10.68
CA VAL A 167 -18.13 -5.68 11.40
C VAL A 167 -18.42 -4.97 12.71
N ASP A 168 -19.66 -4.51 12.87
CA ASP A 168 -20.08 -3.74 14.02
C ASP A 168 -20.85 -4.65 14.97
N VAL A 169 -20.42 -4.70 16.23
CA VAL A 169 -20.85 -5.70 17.18
C VAL A 169 -21.39 -5.01 18.42
N PRO A 170 -22.71 -5.01 18.63
CA PRO A 170 -23.30 -4.38 19.82
C PRO A 170 -22.85 -5.09 21.10
N LYS A 171 -22.69 -4.30 22.17
CA LYS A 171 -22.12 -4.81 23.42
C LYS A 171 -22.97 -5.92 24.02
N ASP A 172 -24.30 -5.86 23.87
CA ASP A 172 -25.13 -6.90 24.44
C ASP A 172 -24.94 -8.23 23.71
N ILE A 173 -24.63 -8.19 22.41
CA ILE A 173 -24.33 -9.41 21.68
C ILE A 173 -23.01 -10.01 22.17
N GLN A 174 -22.06 -9.16 22.56
CA GLN A 174 -20.79 -9.66 23.07
C GLN A 174 -20.95 -10.41 24.38
N GLN A 175 -21.97 -10.05 25.17
CA GLN A 175 -22.15 -10.66 26.48
C GLN A 175 -23.11 -11.84 26.46
N GLN A 176 -23.90 -11.98 25.41
CA GLN A 176 -24.88 -13.06 25.34
C GLN A 176 -24.19 -14.41 25.26
N LEU A 177 -24.74 -15.39 25.97
CA LEU A 177 -24.24 -16.76 25.95
C LEU A 177 -24.90 -17.53 24.81
N ALA A 178 -24.10 -18.37 24.14
CA ALA A 178 -24.59 -19.19 23.06
C ALA A 178 -23.60 -20.31 22.79
N ILE A 179 -24.05 -21.28 22.00
CA ILE A 179 -23.22 -22.37 21.50
C ILE A 179 -23.04 -22.14 20.00
N PRO A 180 -21.83 -21.81 19.54
CA PRO A 180 -21.65 -21.46 18.13
C PRO A 180 -21.83 -22.65 17.21
N ASN A 181 -22.27 -22.36 15.99
CA ASN A 181 -22.37 -23.33 14.91
C ASN A 181 -21.38 -22.91 13.83
N TRP A 182 -20.29 -23.66 13.71
CA TRP A 182 -19.23 -23.33 12.76
C TRP A 182 -19.47 -23.92 11.38
N GLU A 183 -20.63 -24.52 11.15
CA GLU A 183 -20.95 -25.16 9.88
C GLU A 183 -21.94 -24.37 9.05
N GLN A 184 -22.27 -23.14 9.46
CA GLN A 184 -23.24 -22.34 8.74
C GLN A 184 -22.71 -21.98 7.35
N ALA A 185 -23.58 -22.07 6.36
CA ALA A 185 -23.21 -21.69 5.01
C ALA A 185 -23.28 -20.17 4.86
N MET A 186 -22.34 -19.62 4.08
CA MET A 186 -22.32 -18.19 3.84
C MET A 186 -23.51 -17.79 2.97
N ARG A 187 -23.92 -16.54 3.10
CA ARG A 187 -25.03 -15.99 2.34
C ARG A 187 -24.51 -14.95 1.37
N LEU A 188 -23.73 -15.41 0.40
CA LEU A 188 -23.21 -14.54 -0.67
C LEU A 188 -23.51 -15.13 -2.04
N PRO A 189 -24.78 -15.44 -2.35
CA PRO A 189 -25.07 -16.11 -3.63
C PRO A 189 -24.73 -15.24 -4.83
N GLY A 190 -25.11 -13.96 -4.82
CA GLY A 190 -24.81 -13.09 -5.95
C GLY A 190 -23.32 -12.88 -6.14
N TYR A 191 -22.62 -12.53 -5.05
CA TYR A 191 -21.18 -12.31 -5.13
C TYR A 191 -20.44 -13.54 -5.62
N MET A 192 -20.77 -14.71 -5.05
CA MET A 192 -20.05 -15.93 -5.40
C MET A 192 -20.36 -16.39 -6.82
N SER A 193 -21.58 -16.13 -7.32
CA SER A 193 -21.91 -16.52 -8.68
C SER A 193 -21.32 -15.59 -9.72
N ARG A 194 -20.90 -14.38 -9.34
CA ARG A 194 -20.27 -13.44 -10.24
C ARG A 194 -18.75 -13.42 -10.11
N MET A 195 -18.18 -14.41 -9.42
CA MET A 195 -16.73 -14.49 -9.30
C MET A 195 -16.12 -14.87 -10.64
N PRO A 196 -15.03 -14.20 -11.06
CA PRO A 196 -14.43 -14.54 -12.35
C PRO A 196 -13.96 -15.98 -12.40
N LYS A 197 -14.18 -16.60 -13.54
CA LYS A 197 -13.71 -17.94 -13.83
C LYS A 197 -12.28 -17.89 -14.35
N PRO A 198 -11.55 -19.00 -14.33
CA PRO A 198 -10.22 -19.04 -14.93
C PRO A 198 -10.30 -18.69 -16.41
N PRO A 199 -9.34 -17.91 -16.92
CA PRO A 199 -9.46 -17.40 -18.29
C PRO A 199 -9.45 -18.53 -19.32
N GLU A 200 -10.24 -18.33 -20.38
CA GLU A 200 -10.34 -19.32 -21.44
C GLU A 200 -9.12 -19.26 -22.34
N ASP A 201 -8.76 -20.42 -22.90
CA ASP A 201 -7.69 -20.45 -23.89
C ASP A 201 -8.04 -19.61 -25.11
N SER A 202 -9.35 -19.43 -25.37
CA SER A 202 -9.79 -18.54 -26.45
C SER A 202 -9.20 -17.15 -26.29
N HIS A 203 -9.39 -16.53 -25.12
CA HIS A 203 -8.90 -15.19 -24.89
C HIS A 203 -7.37 -15.15 -24.81
N LEU A 204 -6.75 -16.18 -24.24
CA LEU A 204 -5.32 -16.13 -23.99
C LEU A 204 -4.51 -16.22 -25.28
N GLU A 205 -4.96 -17.06 -26.22
CA GLU A 205 -4.23 -17.20 -27.48
C GLU A 205 -4.39 -15.96 -28.36
N GLN A 206 -5.52 -15.27 -28.26
CA GLN A 206 -5.67 -14.02 -29.00
C GLN A 206 -4.64 -12.99 -28.54
N ILE A 207 -4.27 -13.02 -27.26
CA ILE A 207 -3.29 -12.08 -26.74
C ILE A 207 -1.89 -12.44 -27.24
N VAL A 208 -1.51 -13.71 -27.10
CA VAL A 208 -0.22 -14.16 -27.60
C VAL A 208 -0.09 -13.86 -29.09
N ARG A 209 -1.19 -14.01 -29.83
CA ARG A 209 -1.20 -13.66 -31.25
C ARG A 209 -0.95 -12.16 -31.44
N LEU A 210 -1.63 -11.33 -30.64
CA LEU A 210 -1.45 -9.88 -30.72
C LEU A 210 -0.02 -9.47 -30.40
N ILE A 211 0.66 -10.23 -29.53
CA ILE A 211 2.04 -9.92 -29.21
C ILE A 211 2.94 -10.14 -30.41
N SER A 212 2.74 -11.25 -31.13
CA SER A 212 3.59 -11.57 -32.27
C SER A 212 3.38 -10.58 -33.42
N GLU A 213 2.20 -9.97 -33.51
CA GLU A 213 1.91 -9.01 -34.57
C GLU A 213 2.37 -7.59 -34.24
N SER A 214 2.93 -7.37 -33.05
CA SER A 214 3.28 -6.03 -32.59
C SER A 214 4.78 -5.81 -32.66
N LYS A 215 5.16 -4.54 -32.83
CA LYS A 215 6.56 -4.14 -32.88
C LYS A 215 7.02 -3.37 -31.65
N LYS A 216 6.12 -2.74 -30.91
CA LYS A 216 6.46 -1.88 -29.77
C LYS A 216 5.56 -2.20 -28.58
N PRO A 217 5.69 -3.40 -28.00
CA PRO A 217 4.85 -3.73 -26.85
C PRO A 217 5.42 -3.19 -25.55
N VAL A 218 4.54 -2.78 -24.64
CA VAL A 218 4.92 -2.32 -23.32
C VAL A 218 4.03 -3.00 -22.28
N LEU A 219 4.66 -3.62 -21.29
CA LEU A 219 3.92 -4.10 -20.14
C LEU A 219 3.61 -2.94 -19.19
N TYR A 220 2.38 -2.93 -18.68
CA TYR A 220 1.87 -1.86 -17.81
C TYR A 220 1.34 -2.56 -16.56
N VAL A 221 2.17 -2.63 -15.53
CA VAL A 221 1.98 -3.54 -14.40
C VAL A 221 1.64 -2.72 -13.16
N GLY A 222 0.66 -3.21 -12.39
CA GLY A 222 0.23 -2.52 -11.20
C GLY A 222 -0.01 -3.40 -9.99
N GLY A 223 -0.78 -2.87 -9.03
CA GLY A 223 -1.00 -3.55 -7.77
C GLY A 223 -1.61 -4.94 -7.89
N GLY A 224 -2.31 -5.21 -8.99
CA GLY A 224 -2.92 -6.52 -9.18
C GLY A 224 -1.95 -7.65 -9.41
N CYS A 225 -0.67 -7.36 -9.60
CA CYS A 225 0.35 -8.35 -9.91
C CYS A 225 1.17 -8.76 -8.70
N LEU A 226 0.79 -8.33 -7.49
CA LEU A 226 1.61 -8.55 -6.31
C LEU A 226 1.80 -10.02 -5.97
N ASN A 227 0.92 -10.90 -6.45
CA ASN A 227 1.04 -12.33 -6.22
C ASN A 227 1.46 -13.08 -7.48
N SER A 228 2.04 -12.37 -8.45
CA SER A 228 2.35 -12.95 -9.76
C SER A 228 3.77 -12.66 -10.22
N SER A 229 4.69 -12.37 -9.28
CA SER A 229 6.05 -12.00 -9.66
C SER A 229 6.74 -13.12 -10.42
N ASP A 230 6.51 -14.38 -10.02
CA ASP A 230 7.12 -15.49 -10.74
C ASP A 230 6.53 -15.64 -12.13
N GLU A 231 5.20 -15.66 -12.24
CA GLU A 231 4.56 -15.77 -13.54
C GLU A 231 4.91 -14.60 -14.43
N LEU A 232 4.93 -13.38 -13.88
CA LEU A 232 5.28 -12.20 -14.67
C LEU A 232 6.71 -12.28 -15.15
N GLY A 233 7.64 -12.63 -14.25
CA GLY A 233 9.03 -12.75 -14.65
C GLY A 233 9.24 -13.78 -15.74
N ARG A 234 8.58 -14.94 -15.61
CA ARG A 234 8.62 -15.95 -16.66
C ARG A 234 8.05 -15.40 -17.96
N PHE A 235 6.95 -14.65 -17.87
CA PHE A 235 6.34 -14.06 -19.06
C PHE A 235 7.32 -13.12 -19.77
N VAL A 236 8.11 -12.36 -19.00
CA VAL A 236 9.06 -11.43 -19.60
C VAL A 236 10.22 -12.17 -20.24
N GLU A 237 10.62 -13.31 -19.68
CA GLU A 237 11.63 -14.15 -20.32
C GLU A 237 11.19 -14.56 -21.72
N LEU A 238 9.94 -15.02 -21.85
CA LEU A 238 9.47 -15.60 -23.11
C LEU A 238 9.18 -14.54 -24.17
N THR A 239 8.96 -13.28 -23.77
CA THR A 239 8.57 -12.24 -24.71
C THR A 239 9.57 -11.11 -24.83
N GLY A 240 10.40 -10.86 -23.83
CA GLY A 240 11.34 -9.76 -23.89
C GLY A 240 10.68 -8.40 -23.97
N ILE A 241 9.48 -8.27 -23.40
CA ILE A 241 8.72 -7.01 -23.43
C ILE A 241 9.13 -6.16 -22.24
N PRO A 242 9.44 -4.89 -22.43
CA PRO A 242 9.87 -4.05 -21.31
C PRO A 242 8.70 -3.70 -20.39
N VAL A 243 9.02 -3.50 -19.11
CA VAL A 243 8.03 -3.45 -18.04
C VAL A 243 7.99 -2.05 -17.45
N ALA A 244 6.83 -1.40 -17.54
CA ALA A 244 6.55 -0.17 -16.84
C ALA A 244 5.58 -0.44 -15.71
N SER A 245 5.90 0.05 -14.51
CA SER A 245 5.17 -0.27 -13.30
C SER A 245 4.50 0.97 -12.73
N THR A 246 3.36 0.77 -12.08
CA THR A 246 2.74 1.84 -11.34
C THR A 246 3.35 1.95 -9.94
N LEU A 247 2.95 3.00 -9.23
CA LEU A 247 3.36 3.17 -7.84
C LEU A 247 2.96 1.96 -7.00
N MET A 248 1.79 1.39 -7.26
CA MET A 248 1.32 0.25 -6.47
C MET A 248 1.98 -1.05 -6.90
N GLY A 249 2.49 -1.13 -8.12
CA GLY A 249 3.06 -2.34 -8.64
C GLY A 249 4.55 -2.51 -8.45
N LEU A 250 5.21 -1.51 -7.86
CA LEU A 250 6.68 -1.54 -7.71
C LEU A 250 7.14 -2.82 -7.05
N GLY A 251 8.09 -3.49 -7.68
CA GLY A 251 8.66 -4.71 -7.16
C GLY A 251 8.04 -5.99 -7.71
N SER A 252 6.87 -5.90 -8.37
CA SER A 252 6.33 -7.07 -9.06
C SER A 252 7.35 -7.61 -10.06
N TYR A 253 7.92 -6.72 -10.85
CA TYR A 253 9.09 -7.00 -11.66
C TYR A 253 10.27 -6.24 -11.07
N PRO A 254 11.43 -6.88 -10.85
CA PRO A 254 12.58 -6.26 -10.18
C PRO A 254 13.02 -4.96 -10.84
N CSD A 255 13.32 -3.94 -10.03
CA CSD A 255 13.66 -2.62 -10.54
CB CSD A 255 13.52 -1.59 -9.42
SG CSD A 255 11.77 -1.35 -8.99
C CSD A 255 15.07 -2.55 -11.14
O CSD A 255 15.34 -1.73 -12.04
OD1 CSD A 255 11.01 -0.25 -9.58
OD2 CSD A 255 11.04 -2.38 -7.91
N ASP A 256 15.96 -3.41 -10.64
CA ASP A 256 17.34 -3.38 -11.07
C ASP A 256 17.53 -4.13 -12.39
N ASP A 257 16.45 -4.73 -12.90
CA ASP A 257 16.53 -5.52 -14.12
C ASP A 257 16.63 -4.63 -15.35
N GLU A 258 17.26 -5.17 -16.38
CA GLU A 258 17.53 -4.40 -17.60
C GLU A 258 16.29 -4.13 -18.43
N LEU A 259 15.26 -4.98 -18.32
CA LEU A 259 14.01 -4.75 -19.04
C LEU A 259 13.07 -3.82 -18.30
N SER A 260 13.48 -3.26 -17.17
CA SER A 260 12.62 -2.46 -16.33
C SER A 260 12.66 -1.00 -16.77
N LEU A 261 11.50 -0.46 -17.13
CA LEU A 261 11.35 0.96 -17.41
C LEU A 261 11.03 1.77 -16.17
N HIS A 262 10.94 1.12 -15.01
CA HIS A 262 10.68 1.77 -13.72
C HIS A 262 9.24 2.33 -13.74
N MET A 263 8.99 3.38 -12.97
CA MET A 263 7.64 3.88 -12.78
C MET A 263 7.23 4.78 -13.94
N LEU A 264 5.95 4.70 -14.31
CA LEU A 264 5.34 5.60 -15.27
C LEU A 264 4.38 6.54 -14.56
N GLY A 265 3.92 7.56 -15.27
CA GLY A 265 2.92 8.46 -14.76
C GLY A 265 3.45 9.85 -14.48
N MET A 266 2.73 10.56 -13.60
CA MET A 266 3.00 11.97 -13.35
C MET A 266 4.45 12.21 -12.94
N HIS A 267 4.98 11.38 -12.05
CA HIS A 267 6.39 11.44 -11.68
C HIS A 267 7.16 10.23 -12.15
N GLY A 268 6.69 9.60 -13.25
CA GLY A 268 7.41 8.48 -13.81
C GLY A 268 8.60 8.92 -14.64
N THR A 269 9.44 7.95 -14.98
CA THR A 269 10.63 8.24 -15.76
C THR A 269 10.24 8.67 -17.18
N VAL A 270 11.08 9.51 -17.77
CA VAL A 270 10.84 9.98 -19.13
C VAL A 270 10.73 8.79 -20.09
N TYR A 271 11.58 7.77 -19.88
CA TYR A 271 11.59 6.64 -20.81
C TYR A 271 10.40 5.71 -20.62
N ALA A 272 9.90 5.56 -19.39
CA ALA A 272 8.70 4.75 -19.19
C ALA A 272 7.49 5.41 -19.87
N ASN A 273 7.31 6.71 -19.64
CA ASN A 273 6.22 7.43 -20.29
C ASN A 273 6.41 7.51 -21.80
N TYR A 274 7.67 7.54 -22.26
CA TYR A 274 7.93 7.48 -23.69
C TYR A 274 7.44 6.18 -24.29
N ALA A 275 7.77 5.06 -23.65
CA ALA A 275 7.38 3.75 -24.16
C ALA A 275 5.86 3.66 -24.32
N VAL A 276 5.11 4.03 -23.28
CA VAL A 276 3.65 3.98 -23.35
C VAL A 276 3.15 4.92 -24.43
N GLU A 277 3.81 6.06 -24.60
CA GLU A 277 3.34 7.05 -25.57
C GLU A 277 3.46 6.55 -27.01
N HIS A 278 4.50 5.77 -27.30
CA HIS A 278 4.77 5.33 -28.66
C HIS A 278 4.55 3.84 -28.86
N SER A 279 3.96 3.15 -27.87
CA SER A 279 3.73 1.72 -28.01
C SER A 279 2.62 1.45 -29.03
N ASP A 280 2.64 0.25 -29.59
CA ASP A 280 1.52 -0.24 -30.39
C ASP A 280 0.73 -1.35 -29.69
N LEU A 281 1.27 -1.92 -28.62
CA LEU A 281 0.57 -2.91 -27.82
C LEU A 281 0.82 -2.61 -26.36
N LEU A 282 -0.25 -2.36 -25.60
CA LEU A 282 -0.16 -2.04 -24.18
C LEU A 282 -0.79 -3.18 -23.39
N LEU A 283 0.04 -3.91 -22.66
CA LEU A 283 -0.42 -5.02 -21.82
C LEU A 283 -0.67 -4.48 -20.41
N ALA A 284 -1.93 -4.18 -20.11
CA ALA A 284 -2.30 -3.55 -18.85
C ALA A 284 -2.76 -4.64 -17.89
N PHE A 285 -1.82 -5.11 -17.06
CA PHE A 285 -2.05 -6.24 -16.17
C PHE A 285 -2.15 -5.74 -14.73
N GLY A 286 -3.34 -5.87 -14.15
CA GLY A 286 -3.54 -5.49 -12.75
C GLY A 286 -3.45 -4.00 -12.48
N VAL A 287 -4.02 -3.18 -13.36
CA VAL A 287 -3.96 -1.73 -13.24
C VAL A 287 -5.37 -1.18 -13.41
N ARG A 288 -5.56 0.08 -12.99
CA ARG A 288 -6.89 0.69 -13.07
C ARG A 288 -6.89 2.03 -13.80
N PHE A 289 -5.83 2.34 -14.55
CA PHE A 289 -5.79 3.50 -15.45
C PHE A 289 -6.13 4.80 -14.70
N ASP A 290 -5.48 5.01 -13.56
CA ASP A 290 -5.81 6.17 -12.75
C ASP A 290 -5.19 7.44 -13.34
N ASP A 291 -5.70 8.59 -12.89
CA ASP A 291 -5.35 9.85 -13.53
C ASP A 291 -3.89 10.25 -13.27
N ARG A 292 -3.30 9.79 -12.17
CA ARG A 292 -1.87 10.04 -11.95
C ARG A 292 -1.04 9.38 -13.04
N VAL A 293 -1.51 8.28 -13.60
CA VAL A 293 -0.76 7.54 -14.62
C VAL A 293 -1.08 8.04 -16.02
N THR A 294 -2.36 8.16 -16.35
CA THR A 294 -2.76 8.39 -17.74
C THR A 294 -2.58 9.83 -18.18
N GLY A 295 -2.77 10.80 -17.28
CA GLY A 295 -2.90 12.16 -17.76
C GLY A 295 -4.19 12.29 -18.56
N LYS A 296 -4.13 13.10 -19.61
CA LYS A 296 -5.27 13.23 -20.51
C LYS A 296 -5.55 11.89 -21.18
N LEU A 297 -6.72 11.32 -20.91
CA LEU A 297 -7.01 9.95 -21.32
C LEU A 297 -6.92 9.78 -22.83
N GLU A 298 -7.39 10.76 -23.60
CA GLU A 298 -7.38 10.64 -25.05
C GLU A 298 -5.97 10.51 -25.60
N ALA A 299 -4.98 11.09 -24.91
CA ALA A 299 -3.60 11.04 -25.37
C ALA A 299 -2.82 9.86 -24.82
N PHE A 300 -3.33 9.20 -23.79
CA PHE A 300 -2.61 8.09 -23.16
C PHE A 300 -2.66 6.86 -24.05
N ALA A 301 -1.49 6.36 -24.45
CA ALA A 301 -1.36 5.20 -25.33
C ALA A 301 -2.28 5.35 -26.55
N SER A 302 -2.21 6.52 -27.18
CA SER A 302 -3.16 6.92 -28.22
C SER A 302 -3.03 6.12 -29.50
N ARG A 303 -1.94 5.39 -29.71
CA ARG A 303 -1.76 4.59 -30.91
C ARG A 303 -1.39 3.16 -30.56
N ALA A 304 -2.02 2.61 -29.52
CA ALA A 304 -1.73 1.27 -29.04
C ALA A 304 -3.00 0.43 -28.97
N LYS A 305 -2.86 -0.86 -29.27
CA LYS A 305 -3.89 -1.83 -28.95
C LYS A 305 -3.77 -2.20 -27.47
N ILE A 306 -4.87 -2.04 -26.73
CA ILE A 306 -4.84 -2.12 -25.27
C ILE A 306 -5.46 -3.42 -24.82
N VAL A 307 -4.65 -4.26 -24.19
CA VAL A 307 -5.11 -5.48 -23.53
C VAL A 307 -5.19 -5.21 -22.03
N HIS A 308 -6.38 -5.39 -21.46
CA HIS A 308 -6.61 -5.13 -20.04
C HIS A 308 -7.08 -6.40 -19.36
N ILE A 309 -6.31 -6.87 -18.40
CA ILE A 309 -6.65 -8.06 -17.60
C ILE A 309 -6.87 -7.59 -16.17
N ASP A 310 -8.11 -7.62 -15.72
CA ASP A 310 -8.47 -7.17 -14.38
C ASP A 310 -9.45 -8.15 -13.76
N ILE A 311 -9.32 -8.36 -12.45
CA ILE A 311 -10.23 -9.27 -11.73
C ILE A 311 -11.55 -8.61 -11.41
N ASP A 312 -11.68 -7.30 -11.64
CA ASP A 312 -12.89 -6.54 -11.34
C ASP A 312 -13.48 -6.08 -12.67
N SER A 313 -14.60 -6.69 -13.07
CA SER A 313 -15.23 -6.34 -14.34
C SER A 313 -15.61 -4.87 -14.41
N ALA A 314 -15.85 -4.24 -13.27
CA ALA A 314 -16.23 -2.84 -13.25
C ALA A 314 -15.09 -1.91 -13.65
N GLU A 315 -13.84 -2.38 -13.59
CA GLU A 315 -12.70 -1.57 -13.98
C GLU A 315 -12.41 -1.62 -15.47
N ILE A 316 -12.88 -2.64 -16.18
CA ILE A 316 -12.53 -2.85 -17.57
C ILE A 316 -13.39 -1.92 -18.42
N GLY A 317 -12.76 -0.92 -19.03
CA GLY A 317 -13.48 0.07 -19.80
C GLY A 317 -14.00 1.24 -18.99
N LYS A 318 -13.50 1.44 -17.77
CA LYS A 318 -14.02 2.49 -16.92
C LYS A 318 -13.51 3.86 -17.37
N ASN A 319 -12.21 3.98 -17.62
CA ASN A 319 -11.60 5.23 -18.08
C ASN A 319 -11.07 5.11 -19.49
N LYS A 320 -10.32 4.06 -19.78
CA LYS A 320 -9.74 3.82 -21.10
C LYS A 320 -10.39 2.57 -21.69
N THR A 321 -10.84 2.68 -22.94
CA THR A 321 -11.58 1.59 -23.57
C THR A 321 -10.60 0.61 -24.21
N PRO A 322 -10.49 -0.62 -23.72
CA PRO A 322 -9.54 -1.57 -24.30
C PRO A 322 -10.04 -2.16 -25.61
N HIS A 323 -9.10 -2.71 -26.37
CA HIS A 323 -9.46 -3.51 -27.54
C HIS A 323 -9.79 -4.94 -27.13
N VAL A 324 -8.93 -5.55 -26.31
CA VAL A 324 -9.11 -6.90 -25.80
C VAL A 324 -9.17 -6.84 -24.28
N SER A 325 -9.98 -7.71 -23.68
CA SER A 325 -10.14 -7.72 -22.24
C SER A 325 -10.28 -9.14 -21.73
N VAL A 326 -9.69 -9.39 -20.56
CA VAL A 326 -9.86 -10.65 -19.84
C VAL A 326 -10.21 -10.30 -18.40
N CYS A 327 -11.39 -10.74 -17.95
CA CYS A 327 -11.80 -10.53 -16.57
C CYS A 327 -11.45 -11.76 -15.77
N GLY A 328 -10.36 -11.69 -15.01
CA GLY A 328 -9.93 -12.82 -14.21
C GLY A 328 -8.62 -12.53 -13.50
N ASP A 329 -8.15 -13.54 -12.79
CA ASP A 329 -6.90 -13.45 -12.04
C ASP A 329 -5.71 -13.39 -12.99
N VAL A 330 -4.94 -12.30 -12.91
CA VAL A 330 -3.80 -12.12 -13.81
C VAL A 330 -2.77 -13.22 -13.60
N LYS A 331 -2.73 -13.81 -12.40
CA LYS A 331 -1.84 -14.94 -12.13
C LYS A 331 -2.15 -16.10 -13.06
N LEU A 332 -3.43 -16.42 -13.22
CA LEU A 332 -3.82 -17.52 -14.10
C LEU A 332 -3.60 -17.17 -15.57
N ALA A 333 -3.96 -15.94 -15.97
CA ALA A 333 -3.74 -15.51 -17.34
C ALA A 333 -2.28 -15.60 -17.72
N LEU A 334 -1.38 -15.24 -16.81
CA LEU A 334 0.06 -15.36 -17.07
C LEU A 334 0.48 -16.81 -17.21
N GLN A 335 -0.02 -17.67 -16.32
CA GLN A 335 0.30 -19.10 -16.41
C GLN A 335 -0.16 -19.69 -17.74
N GLY A 336 -1.38 -19.35 -18.16
CA GLY A 336 -1.87 -19.87 -19.44
C GLY A 336 -1.07 -19.34 -20.61
N MET A 337 -0.80 -18.03 -20.62
CA MET A 337 -0.03 -17.45 -21.72
C MET A 337 1.40 -17.96 -21.73
N ASN A 338 1.96 -18.29 -20.57
CA ASN A 338 3.31 -18.82 -20.52
C ASN A 338 3.40 -20.19 -21.18
N LYS A 339 2.37 -21.03 -21.03
CA LYS A 339 2.38 -22.33 -21.69
C LYS A 339 2.35 -22.16 -23.21
N VAL A 340 1.46 -21.31 -23.72
CA VAL A 340 1.39 -21.04 -25.15
C VAL A 340 2.73 -20.57 -25.68
N LEU A 341 3.36 -19.64 -24.93
CA LEU A 341 4.63 -19.09 -25.37
C LEU A 341 5.74 -20.13 -25.37
N GLU A 342 5.72 -21.06 -24.41
CA GLU A 342 6.74 -22.10 -24.36
C GLU A 342 6.62 -23.04 -25.56
N ASN A 343 5.41 -23.54 -25.82
CA ASN A 343 5.21 -24.49 -26.91
C ASN A 343 5.46 -23.83 -28.26
N ARG A 344 4.71 -22.78 -28.57
CA ARG A 344 4.78 -22.13 -29.87
C ARG A 344 5.96 -21.15 -29.95
N ALA A 345 7.03 -21.43 -29.21
CA ALA A 345 8.16 -20.51 -29.15
C ALA A 345 8.80 -20.32 -30.53
N GLU A 346 9.23 -21.40 -31.15
CA GLU A 346 9.93 -21.29 -32.42
C GLU A 346 9.01 -20.87 -33.56
N GLU A 347 7.71 -21.11 -33.43
CA GLU A 347 6.77 -20.65 -34.44
C GLU A 347 6.50 -19.15 -34.33
N LEU A 348 6.74 -18.55 -33.17
CA LEU A 348 6.46 -17.13 -32.95
C LEU A 348 7.64 -16.23 -33.30
N LYS A 349 8.86 -16.65 -32.98
CA LYS A 349 10.08 -15.89 -33.25
C LYS A 349 9.94 -14.44 -32.75
N LEU A 350 9.75 -14.31 -31.44
CA LEU A 350 9.56 -13.01 -30.81
C LEU A 350 10.91 -12.33 -30.61
N ASP A 351 11.04 -11.12 -31.15
CA ASP A 351 12.26 -10.32 -30.95
C ASP A 351 11.87 -8.85 -31.00
N PHE A 352 11.97 -8.16 -29.87
CA PHE A 352 11.71 -6.73 -29.79
C PHE A 352 12.96 -5.92 -29.50
N GLY A 353 14.14 -6.45 -29.86
CA GLY A 353 15.39 -5.77 -29.58
C GLY A 353 15.52 -4.41 -30.25
N VAL A 354 14.79 -4.20 -31.34
CA VAL A 354 14.81 -2.89 -32.00
C VAL A 354 14.02 -1.87 -31.19
N TRP A 355 12.85 -2.26 -30.67
CA TRP A 355 12.09 -1.40 -29.79
C TRP A 355 12.85 -1.16 -28.48
N ARG A 356 13.39 -2.23 -27.88
CA ARG A 356 14.18 -2.11 -26.66
C ARG A 356 15.34 -1.14 -26.86
N ASN A 357 16.01 -1.21 -28.02
CA ASN A 357 17.13 -0.31 -28.27
C ASN A 357 16.65 1.13 -28.39
N GLU A 358 15.47 1.35 -28.97
CA GLU A 358 14.92 2.70 -29.03
C GLU A 358 14.64 3.24 -27.64
N LEU A 359 14.16 2.37 -26.73
CA LEU A 359 13.87 2.81 -25.37
C LEU A 359 15.15 3.03 -24.58
N ASN A 360 16.15 2.16 -24.77
CA ASN A 360 17.42 2.33 -24.07
C ASN A 360 18.16 3.59 -24.49
N VAL A 361 17.87 4.13 -25.68
CA VAL A 361 18.39 5.44 -26.04
C VAL A 361 17.73 6.52 -25.19
N GLN A 362 16.42 6.41 -24.99
CA GLN A 362 15.73 7.33 -24.08
C GLN A 362 16.21 7.15 -22.65
N LYS A 363 16.53 5.91 -22.27
CA LYS A 363 17.01 5.65 -20.91
C LYS A 363 18.38 6.26 -20.67
N GLN A 364 19.18 6.45 -21.72
CA GLN A 364 20.49 7.07 -21.58
C GLN A 364 20.43 8.58 -21.69
N LYS A 365 19.51 9.12 -22.48
CA LYS A 365 19.42 10.57 -22.64
C LYS A 365 18.67 11.22 -21.48
N PHE A 366 17.75 10.50 -20.85
CA PHE A 366 16.90 11.05 -19.78
C PHE A 366 16.81 10.08 -18.61
N PRO A 367 17.90 9.91 -17.86
CA PRO A 367 17.81 9.14 -16.61
C PRO A 367 17.35 10.02 -15.46
N LEU A 368 16.98 9.36 -14.37
CA LEU A 368 16.67 10.08 -13.14
C LEU A 368 17.92 10.75 -12.59
N SER A 369 17.84 12.05 -12.33
CA SER A 369 19.00 12.83 -11.96
C SER A 369 18.70 13.74 -10.78
N PHE A 370 19.72 14.00 -9.97
CA PHE A 370 19.63 14.93 -8.87
C PHE A 370 20.95 15.71 -8.76
N LYS A 371 20.88 16.86 -8.10
CA LYS A 371 22.02 17.74 -7.94
C LYS A 371 22.52 17.69 -6.50
N THR A 372 23.83 17.87 -6.34
CA THR A 372 24.47 17.92 -5.02
C THR A 372 25.02 19.32 -4.82
N PHE A 373 24.56 20.00 -3.77
CA PHE A 373 24.94 21.38 -3.49
C PHE A 373 25.85 21.39 -2.27
N GLY A 374 27.15 21.57 -2.50
CA GLY A 374 28.09 21.64 -1.40
C GLY A 374 28.06 20.36 -0.60
N GLU A 375 27.89 20.50 0.72
CA GLU A 375 27.78 19.36 1.62
C GLU A 375 26.35 19.07 2.04
N ALA A 376 25.36 19.76 1.46
CA ALA A 376 23.97 19.46 1.77
C ALA A 376 23.63 18.06 1.31
N ILE A 377 22.75 17.39 2.06
CA ILE A 377 22.36 16.02 1.76
C ILE A 377 21.23 16.03 0.74
N PRO A 378 21.44 15.49 -0.46
CA PRO A 378 20.32 15.26 -1.37
C PRO A 378 19.46 14.11 -0.88
N PRO A 379 18.14 14.31 -0.76
CA PRO A 379 17.29 13.19 -0.32
C PRO A 379 17.38 11.98 -1.24
N GLN A 380 17.47 12.22 -2.54
CA GLN A 380 17.64 11.13 -3.49
C GLN A 380 18.88 10.30 -3.16
N TYR A 381 19.98 10.97 -2.83
CA TYR A 381 21.21 10.27 -2.47
C TYR A 381 21.01 9.42 -1.21
N ALA A 382 20.31 9.97 -0.22
CA ALA A 382 20.11 9.24 1.04
C ALA A 382 19.40 7.92 0.81
N ILE A 383 18.38 7.92 -0.05
CA ILE A 383 17.64 6.69 -0.33
C ILE A 383 18.52 5.71 -1.09
N LYS A 384 19.35 6.21 -2.00
CA LYS A 384 20.26 5.34 -2.74
C LYS A 384 21.26 4.67 -1.81
N VAL A 385 21.75 5.41 -0.80
CA VAL A 385 22.67 4.81 0.17
C VAL A 385 21.96 3.76 1.00
N LEU A 386 20.69 4.00 1.34
CA LEU A 386 19.92 3.00 2.07
C LEU A 386 19.74 1.74 1.24
N ASP A 387 19.47 1.90 -0.06
CA ASP A 387 19.37 0.75 -0.96
C ASP A 387 20.65 -0.09 -0.90
N GLU A 388 21.81 0.56 -1.03
CA GLU A 388 23.07 -0.17 -1.05
C GLU A 388 23.33 -0.87 0.27
N LEU A 389 23.21 -0.14 1.38
CA LEU A 389 23.56 -0.70 2.68
C LEU A 389 22.59 -1.80 3.11
N THR A 390 21.39 -1.85 2.53
CA THR A 390 20.44 -2.92 2.80
C THR A 390 20.36 -3.93 1.66
N ASP A 391 21.12 -3.71 0.58
CA ASP A 391 21.13 -4.61 -0.58
C ASP A 391 19.74 -4.75 -1.20
N GLY A 392 18.94 -3.69 -1.14
CA GLY A 392 17.62 -3.70 -1.75
C GLY A 392 16.65 -4.73 -1.20
N LYS A 393 16.89 -5.22 0.02
CA LYS A 393 16.08 -6.27 0.61
C LYS A 393 15.21 -5.77 1.76
N ALA A 394 15.18 -4.46 2.00
CA ALA A 394 14.40 -3.93 3.11
C ALA A 394 12.94 -3.74 2.71
N ILE A 395 12.06 -3.97 3.69
CA ILE A 395 10.66 -3.55 3.55
C ILE A 395 10.60 -2.05 3.79
N ILE A 396 10.02 -1.32 2.84
CA ILE A 396 9.97 0.13 2.87
C ILE A 396 8.52 0.57 3.00
N SER A 397 8.25 1.42 3.99
CA SER A 397 7.00 2.13 4.09
C SER A 397 7.29 3.63 4.08
N THR A 398 6.32 4.43 3.65
CA THR A 398 6.52 5.86 3.49
C THR A 398 5.31 6.62 3.97
N GLY A 399 5.52 7.93 4.17
CA GLY A 399 4.42 8.88 4.22
C GLY A 399 3.99 9.28 2.83
N VAL A 400 3.50 10.49 2.70
CA VAL A 400 3.01 11.01 1.42
C VAL A 400 3.66 12.35 1.15
N GLY A 401 4.14 12.54 -0.08
CA GLY A 401 4.80 13.76 -0.45
C GLY A 401 6.03 13.53 -1.32
N GLN A 402 6.97 14.47 -1.27
CA GLN A 402 8.19 14.36 -2.08
C GLN A 402 8.99 13.13 -1.69
N HIS A 403 9.15 12.90 -0.38
CA HIS A 403 9.92 11.76 0.09
C HIS A 403 9.32 10.44 -0.39
N GLN A 404 7.99 10.39 -0.52
CA GLN A 404 7.35 9.19 -1.07
C GLN A 404 7.81 8.93 -2.50
N MET A 405 7.79 9.97 -3.34
CA MET A 405 8.21 9.81 -4.73
C MET A 405 9.67 9.41 -4.83
N TRP A 406 10.52 10.04 -4.01
CA TRP A 406 11.93 9.71 -4.03
C TRP A 406 12.18 8.28 -3.56
N ALA A 407 11.41 7.82 -2.56
CA ALA A 407 11.51 6.43 -2.12
C ALA A 407 11.05 5.47 -3.20
N ALA A 408 10.12 5.92 -4.05
CA ALA A 408 9.71 5.11 -5.19
C ALA A 408 10.76 5.12 -6.29
N GLN A 409 11.43 6.25 -6.51
CA GLN A 409 12.33 6.38 -7.64
C GLN A 409 13.70 5.75 -7.38
N PHE A 410 14.24 5.91 -6.18
CA PHE A 410 15.64 5.64 -5.92
C PHE A 410 15.89 4.43 -5.03
N TYR A 411 14.89 3.58 -4.85
CA TYR A 411 15.08 2.29 -4.20
C TYR A 411 14.67 1.20 -5.18
N ASN A 412 15.53 0.19 -5.32
CA ASN A 412 15.32 -0.90 -6.28
C ASN A 412 14.68 -2.07 -5.55
N TYR A 413 13.36 -2.09 -5.55
CA TYR A 413 12.62 -3.17 -4.92
C TYR A 413 12.72 -4.43 -5.77
N LYS A 414 13.13 -5.53 -5.13
CA LYS A 414 13.37 -6.78 -5.85
C LYS A 414 12.18 -7.70 -5.85
N LYS A 415 11.33 -7.61 -4.83
CA LYS A 415 10.14 -8.44 -4.70
C LYS A 415 8.95 -7.56 -4.33
N PRO A 416 7.74 -7.97 -4.70
CA PRO A 416 6.56 -7.24 -4.24
C PRO A 416 6.36 -7.46 -2.75
N ARG A 417 5.66 -6.52 -2.12
CA ARG A 417 5.39 -6.42 -0.69
C ARG A 417 6.62 -5.96 0.08
N GLN A 418 7.65 -5.45 -0.61
CA GLN A 418 8.65 -4.59 0.03
C GLN A 418 8.21 -3.14 0.09
N TRP A 419 7.26 -2.75 -0.75
CA TRP A 419 6.86 -1.36 -0.96
C TRP A 419 5.47 -1.19 -0.37
N LEU A 420 5.40 -0.44 0.74
CA LEU A 420 4.14 -0.17 1.43
C LEU A 420 3.92 1.34 1.41
N SER A 421 2.99 1.79 0.56
CA SER A 421 2.80 3.22 0.39
C SER A 421 1.34 3.47 0.03
N SER A 422 0.78 4.55 0.57
CA SER A 422 -0.59 4.94 0.31
C SER A 422 -0.67 5.66 -1.03
N GLY A 423 -1.25 4.99 -2.04
CA GLY A 423 -1.25 5.52 -3.38
C GLY A 423 -2.52 6.22 -3.82
N GLY A 424 -3.66 5.54 -3.64
CA GLY A 424 -4.93 6.07 -4.11
C GLY A 424 -5.46 7.22 -3.27
N LEU A 425 -5.50 7.04 -1.94
CA LEU A 425 -5.93 8.10 -1.05
C LEU A 425 -4.77 9.05 -0.72
N GLY A 426 -3.57 8.50 -0.55
CA GLY A 426 -2.40 9.30 -0.25
C GLY A 426 -2.48 9.93 1.13
N ALA A 427 -2.57 9.10 2.16
CA ALA A 427 -2.82 9.58 3.51
C ALA A 427 -1.50 9.75 4.26
N MET A 428 -1.19 10.99 4.64
CA MET A 428 -0.05 11.24 5.50
C MET A 428 -0.25 10.55 6.84
N GLY A 429 0.87 10.26 7.51
CA GLY A 429 0.84 9.51 8.75
C GLY A 429 0.77 8.01 8.59
N PHE A 430 0.90 7.51 7.36
CA PHE A 430 0.77 6.07 7.10
C PHE A 430 2.07 5.34 7.41
N GLY A 431 3.21 6.01 7.23
CA GLY A 431 4.49 5.31 7.18
C GLY A 431 4.87 4.65 8.49
N LEU A 432 4.79 5.40 9.59
CA LEU A 432 5.21 4.83 10.88
C LEU A 432 4.31 3.66 11.31
N PRO A 433 2.98 3.80 11.34
CA PRO A 433 2.16 2.63 11.75
C PRO A 433 2.27 1.46 10.79
N ALA A 434 2.37 1.75 9.49
CA ALA A 434 2.53 0.67 8.50
C ALA A 434 3.80 -0.12 8.77
N ALA A 435 4.89 0.56 9.14
CA ALA A 435 6.12 -0.14 9.48
C ALA A 435 5.91 -1.03 10.70
N ILE A 436 5.08 -0.59 11.65
CA ILE A 436 4.77 -1.40 12.82
C ILE A 436 4.13 -2.72 12.41
N GLY A 437 3.12 -2.64 11.53
CA GLY A 437 2.45 -3.85 11.09
C GLY A 437 3.36 -4.75 10.27
N ALA A 438 4.20 -4.16 9.42
CA ALA A 438 5.09 -4.97 8.59
C ALA A 438 6.13 -5.70 9.43
N SER A 439 6.62 -5.05 10.49
CA SER A 439 7.62 -5.69 11.34
C SER A 439 7.02 -6.85 12.12
N VAL A 440 5.79 -6.69 12.61
CA VAL A 440 5.13 -7.78 13.33
C VAL A 440 4.89 -8.96 12.40
N ALA A 441 4.56 -8.68 11.13
CA ALA A 441 4.34 -9.74 10.16
C ALA A 441 5.63 -10.32 9.61
N ASN A 442 6.74 -9.59 9.67
CA ASN A 442 8.03 -10.04 9.14
C ASN A 442 9.10 -9.75 10.19
N PRO A 443 9.15 -10.56 11.26
CA PRO A 443 10.02 -10.23 12.40
C PRO A 443 11.50 -10.19 12.07
N ASP A 444 11.94 -10.89 11.03
CA ASP A 444 13.35 -10.99 10.70
C ASP A 444 13.77 -10.02 9.61
N ALA A 445 12.86 -9.19 9.12
CA ALA A 445 13.15 -8.31 8.00
C ALA A 445 13.74 -6.99 8.47
N ILE A 446 14.44 -6.32 7.56
CA ILE A 446 14.79 -4.91 7.74
C ILE A 446 13.58 -4.08 7.33
N VAL A 447 13.06 -3.30 8.27
CA VAL A 447 11.89 -2.46 8.04
C VAL A 447 12.30 -1.01 8.24
N VAL A 448 12.08 -0.18 7.22
CA VAL A 448 12.49 1.22 7.25
C VAL A 448 11.29 2.08 6.85
N ASP A 449 10.97 3.06 7.69
CA ASP A 449 9.95 4.05 7.38
C ASP A 449 10.66 5.28 6.82
N ILE A 450 10.60 5.46 5.51
CA ILE A 450 11.11 6.65 4.86
C ILE A 450 10.00 7.69 4.91
N ASP A 451 10.12 8.62 5.86
CA ASP A 451 9.02 9.51 6.21
C ASP A 451 9.40 10.96 6.00
N GLY A 452 8.39 11.80 5.81
CA GLY A 452 8.55 13.23 5.79
C GLY A 452 8.23 13.83 7.14
N ASP A 453 8.69 15.06 7.36
CA ASP A 453 8.53 15.66 8.68
C ASP A 453 7.08 16.00 8.98
N GLY A 454 6.30 16.37 7.97
CA GLY A 454 4.87 16.56 8.18
C GLY A 454 4.15 15.25 8.40
N SER A 455 4.44 14.26 7.56
CA SER A 455 3.81 12.95 7.69
C SER A 455 4.19 12.27 9.01
N PHE A 456 5.46 12.36 9.39
CA PHE A 456 5.94 11.63 10.56
C PHE A 456 5.28 12.12 11.85
N ILE A 457 5.09 13.44 11.97
CA ILE A 457 4.55 13.97 13.21
C ILE A 457 3.06 13.66 13.37
N MET A 458 2.36 13.33 12.28
CA MET A 458 0.92 13.13 12.35
C MET A 458 0.56 11.94 13.24
N ASN A 459 1.39 10.91 13.26
CA ASN A 459 1.15 9.74 14.10
C ASN A 459 2.40 9.41 14.91
N VAL A 460 3.09 10.45 15.37
CA VAL A 460 4.32 10.28 16.14
C VAL A 460 4.06 9.49 17.41
N GLN A 461 2.82 9.45 17.88
CA GLN A 461 2.50 8.74 19.12
C GLN A 461 2.76 7.23 19.01
N GLU A 462 2.86 6.70 17.79
CA GLU A 462 3.13 5.27 17.63
C GLU A 462 4.58 4.91 17.94
N LEU A 463 5.45 5.90 18.20
CA LEU A 463 6.78 5.60 18.72
C LEU A 463 6.70 4.84 20.02
N ALA A 464 5.71 5.17 20.87
CA ALA A 464 5.50 4.42 22.10
C ALA A 464 5.15 2.96 21.80
N THR A 465 4.37 2.73 20.75
CA THR A 465 4.05 1.36 20.36
C THR A 465 5.31 0.60 19.94
N ILE A 466 6.18 1.25 19.17
CA ILE A 466 7.39 0.59 18.69
C ILE A 466 8.29 0.18 19.85
N ARG A 467 8.43 1.05 20.85
CA ARG A 467 9.26 0.73 22.00
C ARG A 467 8.65 -0.41 22.82
N VAL A 468 7.38 -0.27 23.20
CA VAL A 468 6.75 -1.24 24.10
C VAL A 468 6.73 -2.63 23.45
N GLU A 469 6.46 -2.70 22.16
CA GLU A 469 6.45 -3.97 21.45
C GLU A 469 7.85 -4.40 20.99
N ASN A 470 8.88 -3.61 21.27
CA ASN A 470 10.27 -3.92 20.93
C ASN A 470 10.40 -4.37 19.48
N LEU A 471 9.99 -3.48 18.57
CA LEU A 471 10.04 -3.73 17.13
C LEU A 471 11.24 -3.02 16.53
N PRO A 472 12.04 -3.68 15.70
CA PRO A 472 13.24 -3.06 15.12
C PRO A 472 12.92 -2.15 13.94
N VAL A 473 12.05 -1.17 14.18
CA VAL A 473 11.63 -0.25 13.13
C VAL A 473 12.66 0.86 12.98
N LYS A 474 13.18 1.03 11.77
CA LYS A 474 14.07 2.12 11.45
C LYS A 474 13.27 3.25 10.80
N VAL A 475 13.60 4.49 11.17
CA VAL A 475 12.95 5.67 10.60
C VAL A 475 14.01 6.48 9.89
N LEU A 476 13.92 6.54 8.57
CA LEU A 476 14.75 7.43 7.76
C LEU A 476 13.92 8.66 7.44
N LEU A 477 14.08 9.70 8.24
CA LEU A 477 13.25 10.89 8.17
C LEU A 477 13.92 11.93 7.26
N LEU A 478 13.33 12.16 6.09
CA LEU A 478 13.81 13.17 5.17
C LEU A 478 13.18 14.50 5.56
N ASN A 479 13.95 15.33 6.27
CA ASN A 479 13.43 16.50 6.96
C ASN A 479 13.78 17.75 6.15
N ASN A 480 12.79 18.28 5.42
CA ASN A 480 12.95 19.52 4.68
C ASN A 480 12.18 20.69 5.31
N GLN A 481 11.63 20.49 6.51
CA GLN A 481 10.95 21.53 7.29
C GLN A 481 9.73 22.09 6.57
N HIS A 482 9.23 21.43 5.54
CA HIS A 482 8.11 21.92 4.76
C HIS A 482 7.14 20.78 4.46
N LEU A 483 5.94 21.16 4.07
CA LEU A 483 5.01 20.26 3.37
C LEU A 483 5.47 20.25 1.92
N GLY A 484 6.43 19.36 1.63
CA GLY A 484 7.28 19.55 0.46
C GLY A 484 6.52 19.52 -0.85
N MET A 485 5.63 18.55 -1.03
N MET A 485 5.62 18.55 -1.02
CA MET A 485 4.94 18.41 -2.30
CA MET A 485 4.92 18.39 -2.29
C MET A 485 4.04 19.61 -2.58
C MET A 485 4.03 19.60 -2.58
N VAL A 486 3.38 20.13 -1.55
CA VAL A 486 2.55 21.32 -1.74
C VAL A 486 3.43 22.54 -2.00
N MET A 487 4.59 22.59 -1.34
CA MET A 487 5.55 23.66 -1.61
C MET A 487 5.99 23.65 -3.07
N GLN A 488 6.25 22.47 -3.62
CA GLN A 488 6.67 22.36 -5.02
C GLN A 488 5.62 22.93 -5.96
N TRP A 489 4.34 22.66 -5.69
CA TRP A 489 3.28 23.20 -6.53
C TRP A 489 3.14 24.70 -6.36
N GLU A 490 3.41 25.22 -5.15
CA GLU A 490 3.46 26.67 -4.98
C GLU A 490 4.53 27.29 -5.86
N ASP A 491 5.71 26.65 -5.92
CA ASP A 491 6.80 27.17 -6.75
C ASP A 491 6.42 27.18 -8.22
N ARG A 492 5.81 26.08 -8.70
CA ARG A 492 5.54 25.94 -10.12
C ARG A 492 4.38 26.79 -10.58
N PHE A 493 3.29 26.83 -9.80
CA PHE A 493 2.03 27.36 -10.27
C PHE A 493 1.51 28.56 -9.49
N TYR A 494 2.15 28.94 -8.39
CA TYR A 494 1.68 30.05 -7.58
C TYR A 494 2.82 31.00 -7.21
N LYS A 495 3.85 31.07 -8.06
CA LYS A 495 4.93 32.06 -7.92
C LYS A 495 5.61 31.97 -6.56
N ALA A 496 5.72 30.74 -6.05
CA ALA A 496 6.41 30.47 -4.79
C ALA A 496 5.78 31.21 -3.61
N ASN A 497 4.48 31.50 -3.70
CA ASN A 497 3.78 32.19 -2.62
C ASN A 497 3.41 31.16 -1.55
N ARG A 498 4.08 31.21 -0.41
CA ARG A 498 3.88 30.23 0.64
C ARG A 498 2.54 30.44 1.32
N ALA A 499 1.74 29.38 1.39
CA ALA A 499 0.42 29.40 2.04
C ALA A 499 0.37 28.25 3.04
N HIS A 500 1.08 28.42 4.17
CA HIS A 500 1.03 27.53 5.33
C HIS A 500 1.69 26.17 5.06
N THR A 501 2.77 26.17 4.29
CA THR A 501 3.52 24.95 4.02
C THR A 501 4.79 24.82 4.84
N PHE A 502 5.17 25.84 5.62
CA PHE A 502 6.36 25.80 6.45
C PHE A 502 6.02 25.20 7.80
N LEU A 503 6.75 24.16 8.19
CA LEU A 503 6.45 23.39 9.40
C LEU A 503 7.35 23.76 10.57
N GLY A 504 8.32 24.63 10.39
CA GLY A 504 9.21 25.02 11.45
C GLY A 504 8.65 26.17 12.27
N ASP A 505 9.51 26.73 13.12
CA ASP A 505 9.14 27.84 13.98
C ASP A 505 9.63 29.14 13.37
N PRO A 506 8.74 30.03 12.94
CA PRO A 506 9.21 31.28 12.31
C PRO A 506 9.96 32.20 13.25
N ALA A 507 9.82 32.01 14.57
CA ALA A 507 10.56 32.85 15.51
C ALA A 507 12.03 32.48 15.54
N GLN A 508 12.37 31.22 15.24
CA GLN A 508 13.75 30.76 15.16
C GLN A 508 13.90 30.06 13.81
N GLU A 509 13.96 30.87 12.74
CA GLU A 509 13.74 30.37 11.39
C GLU A 509 14.78 29.35 10.97
N ASP A 510 16.03 29.49 11.43
CA ASP A 510 17.11 28.62 11.02
C ASP A 510 17.34 27.47 11.99
N GLU A 511 16.34 27.12 12.80
CA GLU A 511 16.42 25.99 13.72
C GLU A 511 15.50 24.89 13.25
N ILE A 512 15.99 23.65 13.32
CA ILE A 512 15.18 22.49 12.95
C ILE A 512 14.05 22.35 13.96
N PHE A 513 12.82 22.59 13.53
CA PHE A 513 11.68 22.49 14.42
C PHE A 513 10.59 21.61 13.81
N PRO A 514 9.98 20.71 14.61
CA PRO A 514 10.46 20.45 15.99
C PRO A 514 11.69 19.56 16.00
N ASN A 515 12.14 19.18 17.20
CA ASN A 515 13.32 18.31 17.37
C ASN A 515 12.82 16.88 17.45
N MET A 516 12.80 16.20 16.30
CA MET A 516 12.32 14.82 16.25
C MET A 516 13.17 13.88 17.10
N LEU A 517 14.40 14.24 17.41
CA LEU A 517 15.23 13.39 18.26
C LEU A 517 14.65 13.26 19.65
N LEU A 518 14.01 14.33 20.15
CA LEU A 518 13.43 14.27 21.49
C LEU A 518 12.12 13.50 21.50
N PHE A 519 11.40 13.49 20.38
CA PHE A 519 10.26 12.58 20.23
C PHE A 519 10.71 11.14 20.39
N ALA A 520 11.81 10.77 19.72
CA ALA A 520 12.36 9.43 19.90
C ALA A 520 12.87 9.23 21.32
N ALA A 521 13.49 10.27 21.90
CA ALA A 521 14.00 10.17 23.26
C ALA A 521 12.88 9.92 24.26
N ALA A 522 11.74 10.62 24.09
CA ALA A 522 10.61 10.45 24.99
C ALA A 522 10.15 9.00 25.06
N CYS A 523 10.32 8.25 23.98
CA CYS A 523 9.89 6.86 23.91
C CYS A 523 11.05 5.88 24.01
N GLY A 524 12.20 6.34 24.50
CA GLY A 524 13.35 5.47 24.68
C GLY A 524 13.87 4.84 23.40
N ILE A 525 13.85 5.58 22.30
CA ILE A 525 14.29 5.09 21.00
C ILE A 525 15.57 5.86 20.62
N PRO A 526 16.70 5.18 20.43
CA PRO A 526 17.92 5.88 20.03
C PRO A 526 17.73 6.63 18.72
N ALA A 527 18.39 7.78 18.62
CA ALA A 527 18.20 8.65 17.47
C ALA A 527 19.47 9.45 17.21
N ALA A 528 19.53 10.01 16.01
CA ALA A 528 20.66 10.84 15.61
C ALA A 528 20.21 11.73 14.46
N ARG A 529 20.93 12.84 14.28
CA ARG A 529 20.70 13.75 13.17
C ARG A 529 21.97 13.87 12.34
N VAL A 530 21.80 13.89 11.02
CA VAL A 530 22.90 14.04 10.08
C VAL A 530 22.58 15.20 9.15
N THR A 531 23.56 16.07 8.92
CA THR A 531 23.40 17.26 8.10
C THR A 531 24.35 17.31 6.91
N LYS A 532 25.55 16.78 7.04
CA LYS A 532 26.57 16.84 5.99
C LYS A 532 26.61 15.54 5.22
N LYS A 533 26.60 15.64 3.89
CA LYS A 533 26.59 14.46 3.02
C LYS A 533 27.74 13.52 3.33
N ALA A 534 28.86 14.04 3.82
CA ALA A 534 30.00 13.20 4.17
C ALA A 534 29.67 12.24 5.31
N ASP A 535 28.78 12.65 6.22
CA ASP A 535 28.44 11.85 7.39
C ASP A 535 27.31 10.86 7.13
N LEU A 536 26.66 10.93 5.97
CA LEU A 536 25.39 10.23 5.78
C LEU A 536 25.57 8.72 5.80
N ARG A 537 26.58 8.21 5.09
CA ARG A 537 26.76 6.77 4.94
C ARG A 537 26.97 6.09 6.28
N GLU A 538 27.85 6.65 7.11
CA GLU A 538 28.07 6.07 8.44
C GLU A 538 26.83 6.21 9.31
N ALA A 539 26.09 7.31 9.14
CA ALA A 539 24.88 7.51 9.93
C ALA A 539 23.85 6.43 9.64
N ILE A 540 23.58 6.18 8.35
CA ILE A 540 22.63 5.14 7.97
C ILE A 540 23.13 3.78 8.42
N GLN A 541 24.44 3.54 8.28
CA GLN A 541 25.02 2.27 8.74
C GLN A 541 24.80 2.09 10.23
N THR A 542 24.96 3.16 11.02
CA THR A 542 24.71 3.08 12.45
C THR A 542 23.26 2.70 12.73
N MET A 543 22.33 3.37 12.07
CA MET A 543 20.91 3.07 12.22
C MET A 543 20.63 1.58 11.98
N LEU A 544 21.23 1.03 10.92
CA LEU A 544 20.99 -0.36 10.57
C LEU A 544 21.65 -1.32 11.56
N ASP A 545 22.87 -1.01 11.99
CA ASP A 545 23.61 -1.91 12.86
C ASP A 545 23.13 -1.87 14.30
N THR A 546 22.54 -0.75 14.73
CA THR A 546 22.06 -0.64 16.11
C THR A 546 20.82 -1.51 16.28
N PRO A 547 20.83 -2.49 17.17
CA PRO A 547 19.66 -3.37 17.32
C PRO A 547 18.44 -2.60 17.81
N GLY A 548 17.28 -3.01 17.33
CA GLY A 548 16.03 -2.43 17.75
C GLY A 548 15.68 -1.16 17.00
N PRO A 549 14.76 -0.37 17.54
CA PRO A 549 14.29 0.82 16.83
C PRO A 549 15.37 1.88 16.75
N TYR A 550 15.24 2.75 15.74
CA TYR A 550 16.21 3.81 15.53
C TYR A 550 15.60 4.86 14.61
N LEU A 551 15.84 6.13 14.94
CA LEU A 551 15.39 7.26 14.13
C LEU A 551 16.61 8.05 13.65
N LEU A 552 16.69 8.25 12.34
CA LEU A 552 17.74 9.06 11.74
C LEU A 552 17.11 10.29 11.11
N ASP A 553 17.42 11.46 11.65
CA ASP A 553 16.90 12.73 11.16
C ASP A 553 17.84 13.25 10.08
N VAL A 554 17.42 13.14 8.81
CA VAL A 554 18.23 13.53 7.68
C VAL A 554 17.78 14.92 7.22
N ILE A 555 18.61 15.93 7.47
CA ILE A 555 18.27 17.29 7.06
C ILE A 555 18.56 17.44 5.57
N CYS A 556 17.62 18.06 4.86
CA CYS A 556 17.71 18.20 3.41
C CYS A 556 17.31 19.61 2.99
N PRO A 557 17.94 20.15 1.96
CA PRO A 557 17.50 21.45 1.43
C PRO A 557 16.08 21.35 0.90
N HIS A 558 15.25 22.32 1.28
CA HIS A 558 13.83 22.26 0.97
C HIS A 558 13.52 22.62 -0.47
N GLN A 559 14.46 23.24 -1.19
CA GLN A 559 14.20 23.69 -2.56
C GLN A 559 14.21 22.54 -3.58
N GLU A 560 14.43 21.31 -3.15
CA GLU A 560 14.38 20.18 -4.08
C GLU A 560 12.98 20.03 -4.67
N HIS A 561 12.94 19.55 -5.91
CA HIS A 561 11.69 19.25 -6.60
C HIS A 561 11.72 17.82 -7.11
N VAL A 562 10.59 17.14 -7.01
CA VAL A 562 10.45 15.82 -7.61
C VAL A 562 10.32 15.99 -9.12
N LEU A 563 11.18 15.32 -9.86
CA LEU A 563 11.21 15.35 -11.31
C LEU A 563 11.33 13.93 -11.85
N PRO A 564 10.87 13.69 -13.08
CA PRO A 564 10.14 14.66 -13.91
C PRO A 564 8.68 14.83 -13.46
N MET A 565 7.95 15.74 -14.11
CA MET A 565 6.57 16.03 -13.71
C MET A 565 5.74 16.30 -14.96
N ILE A 566 4.77 15.43 -15.22
CA ILE A 566 3.72 15.72 -16.20
C ILE A 566 2.58 16.39 -15.44
N PRO A 567 2.28 17.66 -15.73
CA PRO A 567 1.22 18.36 -14.98
C PRO A 567 -0.11 17.63 -15.10
N SER A 568 -0.94 17.79 -14.06
CA SER A 568 -2.20 17.06 -13.99
C SER A 568 -3.06 17.33 -15.20
N GLY A 569 -3.53 16.26 -15.84
CA GLY A 569 -4.29 16.36 -17.05
C GLY A 569 -3.49 16.63 -18.30
N GLY A 570 -2.15 16.65 -18.20
CA GLY A 570 -1.31 16.92 -19.34
C GLY A 570 -1.02 15.70 -20.18
N THR A 571 -0.19 15.90 -21.20
CA THR A 571 0.26 14.86 -22.09
C THR A 571 1.77 14.68 -21.93
N PHE A 572 2.32 13.72 -22.69
CA PHE A 572 3.77 13.48 -22.63
C PHE A 572 4.54 14.71 -23.08
N ASN A 573 4.01 15.48 -24.04
CA ASN A 573 4.68 16.67 -24.52
C ASN A 573 4.72 17.80 -23.50
N ASP A 574 4.07 17.64 -22.35
CA ASP A 574 4.06 18.66 -21.31
C ASP A 574 5.00 18.33 -20.16
N VAL A 575 5.79 17.26 -20.28
CA VAL A 575 6.62 16.80 -19.17
C VAL A 575 7.64 17.87 -18.81
N ILE A 576 7.79 18.10 -17.51
CA ILE A 576 8.80 19.02 -16.97
C ILE A 576 9.99 18.19 -16.54
N THR A 577 11.19 18.56 -17.00
CA THR A 577 12.39 17.81 -16.68
C THR A 577 13.46 18.61 -15.94
N GLU A 578 13.24 19.91 -15.70
CA GLU A 578 14.23 20.72 -15.02
C GLU A 578 13.56 21.78 -14.17
N GLY A 579 14.31 22.28 -13.20
CA GLY A 579 13.86 23.33 -12.32
C GLY A 579 13.70 22.85 -10.89
N ASP A 580 13.76 23.81 -9.96
CA ASP A 580 13.49 23.57 -8.56
C ASP A 580 13.08 24.90 -7.92
N GLY A 581 13.21 24.99 -6.61
CA GLY A 581 12.79 26.20 -5.92
C GLY A 581 13.90 27.21 -5.67
N ARG A 582 14.98 27.13 -6.46
CA ARG A 582 16.13 28.00 -6.26
C ARG A 582 16.18 29.14 -7.27
MG MG B . 8.34 17.77 4.49
PA FAD C . -4.44 -0.49 -7.95
O1A FAD C . -3.14 -1.04 -7.39
O2A FAD C . -4.92 0.64 -7.05
O5B FAD C . -5.60 -1.72 -8.01
C5B FAD C . -5.24 -2.97 -8.60
C4B FAD C . -5.94 -3.12 -9.81
O4B FAD C . -5.78 -4.54 -10.33
C3B FAD C . -7.50 -2.91 -9.59
O3B FAD C . -8.14 -2.52 -10.89
C2B FAD C . -7.93 -4.32 -9.20
O2B FAD C . -9.33 -4.54 -9.61
C1B FAD C . -6.89 -5.22 -10.12
N9A FAD C . -6.54 -6.48 -9.52
C8A FAD C . -6.35 -6.73 -8.23
N7A FAD C . -6.03 -8.02 -8.10
C5A FAD C . -5.99 -8.59 -9.33
C6A FAD C . -5.73 -9.88 -9.84
N6A FAD C . -5.38 -10.97 -8.95
N1A FAD C . -5.79 -10.07 -11.15
C2A FAD C . -6.10 -9.09 -11.98
N3A FAD C . -6.37 -7.87 -11.53
C4A FAD C . -6.33 -7.60 -10.23
N1 FAD C . 1.23 6.37 -9.34
C2 FAD C . 1.96 6.20 -10.44
O2 FAD C . 1.92 4.96 -11.09
N3 FAD C . 2.70 7.17 -10.94
C4 FAD C . 2.77 8.35 -10.35
O4 FAD C . 3.58 9.36 -10.92
C4X FAD C . 2.02 8.60 -9.19
N5 FAD C . 2.05 9.78 -8.54
C5X FAD C . 1.59 9.79 -7.27
C6 FAD C . 1.90 10.89 -6.44
C7 FAD C . 1.43 10.90 -5.13
C7M FAD C . 1.76 12.08 -4.21
C8 FAD C . 0.65 9.85 -4.64
C8M FAD C . 0.13 9.88 -3.20
C9 FAD C . 0.34 8.77 -5.46
C9A FAD C . 0.82 8.75 -6.78
N10 FAD C . 0.52 7.71 -7.59
C10 FAD C . 1.26 7.56 -8.70
C1' FAD C . -0.23 6.55 -7.04
C2' FAD C . -1.69 6.54 -7.60
O2' FAD C . -2.52 7.68 -7.35
C3' FAD C . -2.39 5.16 -7.70
O3' FAD C . -2.37 4.55 -6.46
C4' FAD C . -1.68 4.25 -8.70
O4' FAD C . -1.23 4.97 -9.78
C5' FAD C . -2.71 3.20 -9.17
O5' FAD C . -2.16 1.89 -9.01
P FAD C . -2.70 0.69 -10.07
O1P FAD C . -2.87 1.28 -11.44
O2P FAD C . -1.68 -0.43 -10.11
O3P FAD C . -4.17 0.08 -9.52
C3' NHE D . -20.20 -7.85 -1.91
C2' NHE D . -21.53 -8.57 -1.68
C1' NHE D . -22.54 -7.81 -0.80
C6' NHE D . -22.73 -6.35 -1.19
N NHE D . -23.83 -8.48 -0.91
C1 NHE D . -23.83 -9.70 -0.14
C2 NHE D . -25.02 -10.58 -0.54
S NHE D . -24.80 -11.19 -2.24
O1 NHE D . -26.03 -11.91 -2.72
O2 NHE D . -24.73 -10.04 -3.22
O3 NHE D . -23.57 -12.05 -2.33
C5' NHE D . -21.52 -5.71 -1.86
C4' NHE D . -20.21 -6.39 -1.44
CAB AUJ E . 0.14 18.40 3.00
OAH AUJ E . -1.60 14.48 -1.00
OAG AUJ E . 5.42 14.75 5.14
CAC AUJ E . 0.08 15.47 -2.38
OAI AUJ E . 8.11 17.14 2.55
OAK AUJ E . 6.75 16.60 5.02
CAA AUJ E . -3.67 13.57 5.93
CAN AUJ E . 3.72 16.27 2.74
CAO AUJ E . 2.88 17.44 2.27
CAP AUJ E . -2.02 16.89 1.47
CAX AUJ E . 0.40 17.37 1.92
CAZ AUJ E . 1.64 16.95 1.58
NAD AUJ E . -1.81 13.85 1.41
OAF AUJ E . 8.58 15.17 1.52
OAJ AUJ E . 6.60 16.45 0.63
OAS AUJ E . 4.54 16.70 3.80
OAT AUJ E . 6.47 15.22 2.89
SAU AUJ E . 1.60 15.80 0.23
CBA AUJ E . -0.12 16.07 0.00
CBC AUJ E . -0.90 15.67 -1.24
NBB AUJ E . -0.64 16.77 1.13
PBD AUJ E . 7.43 15.99 1.90
PBE AUJ E . 5.80 15.82 4.19
N1 AUJ E . -3.33 15.71 4.82
C2 AUJ E . -3.23 14.41 4.75
N3 AUJ E . -2.72 13.78 3.58
C4 AUJ E . -2.33 14.49 2.56
C5 AUJ E . -2.44 16.00 2.62
C6 AUJ E . -2.93 16.55 3.74
OBC1 AUJ E . -1.78 16.70 -1.58
OC11 AUJ E . -2.87 16.35 -2.49
O1 TLA F . 4.47 -12.85 13.58
O11 TLA F . 4.43 -14.46 15.06
C1 TLA F . 4.00 -13.94 14.00
C2 TLA F . 2.87 -14.62 13.22
O2 TLA F . 3.18 -15.98 13.03
C3 TLA F . 2.68 -13.97 11.86
O3 TLA F . 2.38 -12.61 12.04
C4 TLA F . 3.96 -14.07 11.05
O4 TLA F . 4.02 -13.51 9.92
O41 TLA F . 4.94 -14.71 11.50
O1 OXY G . -1.51 11.92 16.42
O2 OXY G . -2.27 11.09 15.86
O14 A1AUH H . -7.67 19.41 -10.20
C15 A1AUH H . -4.13 18.14 -8.56
C18 A1AUH H . -2.13 18.11 -6.93
C20 A1AUH H . -0.39 18.31 -5.46
C21 A1AUH H . 0.10 17.07 -5.85
C22 A1AUH H . -0.61 16.39 -6.84
C24 A1AUH H . 0.33 19.11 -4.39
C01 A1AUH H . -7.17 16.16 -8.74
C02 A1AUH H . -7.59 14.85 -8.60
C03 A1AUH H . -7.80 14.06 -9.71
C04 A1AUH H . -7.56 14.58 -10.98
C05 A1AUH H . -7.12 15.88 -11.12
C06 A1AUH H . -6.93 16.68 -10.00
C08 A1AUH H . -6.61 16.24 -6.45
C09 A1AUH H . -6.00 17.22 -5.43
C26 A1AUH H . 0.91 14.60 -6.60
F10 A1AUH H . -4.65 17.06 -5.41
N12 A1AUH H . -5.29 18.88 -8.98
N16 A1AUH H . -3.33 18.71 -7.49
N19 A1AUH H . -1.49 18.79 -6.00
N23 A1AUH H . -1.71 16.94 -7.34
O07 A1AUH H . -6.98 16.96 -7.59
O13 A1AUH H . -5.62 18.56 -11.69
O17 A1AUH H . -3.84 17.10 -9.06
O25 A1AUH H . -0.19 15.13 -7.29
S11 A1AUH H . -6.37 18.39 -10.22
C ACT I . -27.42 8.40 16.27
O ACT I . -27.25 8.01 15.10
OXT ACT I . -28.56 8.36 16.79
CH3 ACT I . -26.24 8.91 17.09
C ACT J . -32.78 -11.42 20.44
O ACT J . -33.48 -10.37 20.51
OXT ACT J . -32.59 -11.96 19.32
CH3 ACT J . -32.16 -12.01 21.70
C FMT K . 18.22 -5.53 -27.37
O1 FMT K . 18.66 -4.30 -27.83
O2 FMT K . 18.02 -5.46 -25.98
C ACT L . 25.91 5.42 -3.67
O ACT L . 26.75 5.60 -2.74
OXT ACT L . 25.24 4.36 -3.69
CH3 ACT L . 25.73 6.47 -4.75
MG MG M . 26.29 12.09 -5.21
MG MG N . -8.01 -9.39 -32.27
S SO4 O . -3.09 23.92 -11.33
O1 SO4 O . -3.06 23.90 -9.87
O2 SO4 O . -4.36 23.38 -11.80
O3 SO4 O . -2.95 25.29 -11.80
O4 SO4 O . -2.00 23.11 -11.85
#